data_9VXI
#
_entry.id   9VXI
#
_cell.length_a   1.00
_cell.length_b   1.00
_cell.length_c   1.00
_cell.angle_alpha   90.00
_cell.angle_beta   90.00
_cell.angle_gamma   90.00
#
_symmetry.space_group_name_H-M   'P 1'
#
loop_
_entity.id
_entity.type
_entity.pdbx_description
1 polymer 'Probable solanesyl-diphosphate synthase 3, chloroplastic'
2 polymer 'Fibrillin protein 5 homolog'
3 non-polymer 'phosphonooxy-[(10E)-3,7,11,15-tetramethylhexadeca-2,6,10,14-tetraenyl]sulfanyl-phosphinic acid'
4 non-polymer 'COBALT (II) ION'
#
loop_
_entity_poly.entity_id
_entity_poly.type
_entity_poly.pdbx_seq_one_letter_code
_entity_poly.pdbx_strand_id
1 'polypeptide(L)'
;MSVSSLLEVVADDLLKLNNNLKSLVGAENPVLVSAAEQIFGAGGKRLRPALVFLVSRATAELAGLLELTTEHQRLAEIIE
MIHTASLIHDDVIDDSGMRRGKETIHQLYGTRVAVLAGDFMFAQSSWFLANLENIEVIKLISQVIKDFASGEIKQASTLF
DCDITLDDYLLKSYYKTASLIAASTRSAAIFSGVSTAICEQMYEYGRNLGLSFQVVDDILDFTQSAEQLGKPAGSDLAKG
NLTAPVIFALQDEPQLREIIDSEFSETNSLATAIELVHRSGGIKRAHELAREKGEIAIQSLQCLPRSEFRSTLENMVKYN
LERID
;
A,C
2 'polypeptide(L)'
;EAALGDAKDALYAALEGMNRGIFGMTSEKRSEIHALVELLESKNPTPEPTDKLQDKVDGCWRLVYSTISILGKKRTKLGL
RDFISLGDFFQMIDVKEEKAVNVIKFSARALKILSGQLTIEASYKITTKTKVDITLDSSTITPDQLMNIFQKNYDMLLAI
FNPEGWLEITYVDESLRIGRDDKANIFVLERADPSEV
;
B,D
#
loop_
_chem_comp.id
_chem_comp.type
_chem_comp.name
_chem_comp.formula
CO non-polymer 'COBALT (II) ION' 'Co 2'
GGS non-polymer 'phosphonooxy-[(10E)-3,7,11,15-tetramethylhexadeca-2,6,10,14-tetraenyl]sulfanyl-phosphinic acid' 'C20 H36 O6 P2 S'
#
# COMPACT_ATOMS: atom_id res chain seq x y z
N MET A 1 -33.80 16.37 0.67
CA MET A 1 -34.17 15.39 -0.35
C MET A 1 -33.07 15.18 -1.38
N SER A 2 -32.49 16.28 -1.87
CA SER A 2 -31.36 16.17 -2.77
C SER A 2 -30.07 16.33 -1.98
N VAL A 3 -28.94 16.18 -2.65
CA VAL A 3 -27.66 16.27 -1.96
C VAL A 3 -27.22 17.73 -1.84
N SER A 4 -27.22 18.45 -2.95
CA SER A 4 -26.84 19.85 -2.92
C SER A 4 -27.76 20.64 -2.00
N SER A 5 -29.06 20.36 -2.04
CA SER A 5 -29.96 21.13 -1.18
C SER A 5 -29.53 21.02 0.26
N LEU A 6 -29.09 19.85 0.68
CA LEU A 6 -28.59 19.68 2.02
C LEU A 6 -27.30 20.47 2.22
N LEU A 7 -26.35 20.32 1.29
CA LEU A 7 -25.00 20.82 1.57
C LEU A 7 -24.85 22.31 1.31
N GLU A 8 -25.84 22.98 0.74
CA GLU A 8 -25.73 24.42 0.52
C GLU A 8 -25.53 25.19 1.82
N VAL A 9 -26.15 24.73 2.91
CA VAL A 9 -26.10 25.49 4.15
C VAL A 9 -24.67 25.70 4.60
N VAL A 10 -23.76 24.82 4.23
CA VAL A 10 -22.36 24.97 4.61
C VAL A 10 -21.47 24.88 3.37
N ALA A 11 -22.04 25.13 2.19
CA ALA A 11 -21.28 25.11 0.95
C ALA A 11 -20.00 25.92 1.02
N ASP A 12 -20.02 27.02 1.76
CA ASP A 12 -18.86 27.90 1.81
C ASP A 12 -17.75 27.29 2.64
N ASP A 13 -18.07 26.82 3.85
CA ASP A 13 -17.18 26.03 4.66
C ASP A 13 -16.58 24.89 3.87
N LEU A 14 -17.42 24.20 3.11
CA LEU A 14 -17.00 23.02 2.39
C LEU A 14 -16.03 23.38 1.29
N LEU A 15 -16.24 24.52 0.63
CA LEU A 15 -15.33 24.98 -0.42
C LEU A 15 -13.99 25.39 0.16
N LYS A 16 -13.99 26.16 1.25
CA LYS A 16 -12.71 26.46 1.87
C LYS A 16 -11.95 25.19 2.22
N LEU A 17 -12.64 24.19 2.77
CA LEU A 17 -12.00 22.96 3.16
C LEU A 17 -11.41 22.23 1.97
N ASN A 18 -12.19 22.07 0.91
CA ASN A 18 -11.72 21.40 -0.29
C ASN A 18 -10.48 22.08 -0.85
N ASN A 19 -10.47 23.40 -0.85
CA ASN A 19 -9.30 24.13 -1.30
C ASN A 19 -8.10 23.84 -0.42
N ASN A 20 -8.26 23.92 0.90
CA ASN A 20 -7.13 23.64 1.79
C ASN A 20 -6.60 22.23 1.61
N LEU A 21 -7.48 21.27 1.41
CA LEU A 21 -7.05 19.89 1.33
C LEU A 21 -6.37 19.59 0.01
N LYS A 22 -6.87 20.18 -1.09
CA LYS A 22 -6.16 20.11 -2.35
C LYS A 22 -4.81 20.78 -2.26
N SER A 23 -4.72 21.91 -1.59
CA SER A 23 -3.43 22.56 -1.47
C SER A 23 -2.47 21.72 -0.67
N LEU A 24 -2.91 21.23 0.48
CA LEU A 24 -2.07 20.49 1.39
C LEU A 24 -1.63 19.16 0.80
N VAL A 25 -2.58 18.29 0.48
CA VAL A 25 -2.25 17.04 -0.17
C VAL A 25 -1.92 17.33 -1.61
N GLY A 26 -0.85 16.75 -2.10
CA GLY A 26 -0.43 17.29 -3.36
C GLY A 26 0.31 18.54 -3.04
N ALA A 27 1.46 18.36 -2.42
CA ALA A 27 2.25 19.44 -1.84
C ALA A 27 3.37 19.79 -2.81
N GLU A 28 2.97 20.39 -3.94
CA GLU A 28 3.88 20.74 -5.04
C GLU A 28 4.67 19.54 -5.53
N ASN A 29 4.09 18.36 -5.41
CA ASN A 29 4.58 17.15 -6.01
C ASN A 29 3.73 16.91 -7.24
N PRO A 30 4.26 16.76 -8.44
CA PRO A 30 3.38 16.64 -9.62
C PRO A 30 2.33 15.55 -9.52
N VAL A 31 2.74 14.32 -9.24
CA VAL A 31 1.80 13.22 -9.17
C VAL A 31 0.82 13.41 -8.03
N LEU A 32 1.28 13.98 -6.92
CA LEU A 32 0.37 14.21 -5.80
C LEU A 32 -0.55 15.38 -6.07
N VAL A 33 -0.10 16.38 -6.83
CA VAL A 33 -0.99 17.47 -7.23
C VAL A 33 -2.13 16.95 -8.08
N SER A 34 -1.83 16.09 -9.04
CA SER A 34 -2.91 15.49 -9.81
C SER A 34 -3.81 14.63 -8.94
N ALA A 35 -3.21 13.79 -8.09
CA ALA A 35 -4.01 12.91 -7.25
C ALA A 35 -4.87 13.69 -6.27
N ALA A 36 -4.41 14.86 -5.82
CA ALA A 36 -5.24 15.65 -4.93
C ALA A 36 -6.39 16.29 -5.66
N GLU A 37 -6.17 16.82 -6.85
CA GLU A 37 -7.29 17.29 -7.64
C GLU A 37 -8.29 16.17 -7.90
N GLN A 38 -7.78 14.97 -8.14
CA GLN A 38 -8.63 13.81 -8.40
C GLN A 38 -9.41 13.39 -7.17
N ILE A 39 -8.78 13.49 -6.00
CA ILE A 39 -9.35 12.99 -4.77
C ILE A 39 -10.41 13.94 -4.24
N PHE A 40 -10.13 15.23 -4.28
CA PHE A 40 -11.02 16.23 -3.70
C PHE A 40 -11.79 16.88 -4.83
N GLY A 41 -12.76 16.13 -5.36
CA GLY A 41 -13.54 16.57 -6.48
C GLY A 41 -14.14 17.93 -6.22
N ALA A 42 -13.66 18.92 -6.96
CA ALA A 42 -13.84 20.33 -6.66
C ALA A 42 -15.22 20.64 -6.09
N GLY A 43 -15.24 21.46 -5.05
CA GLY A 43 -16.47 21.87 -4.40
C GLY A 43 -16.47 21.52 -2.93
N GLY A 44 -15.99 20.33 -2.59
CA GLY A 44 -15.92 19.89 -1.22
C GLY A 44 -17.21 19.44 -0.60
N LYS A 45 -18.21 19.14 -1.43
CA LYS A 45 -19.56 18.83 -0.96
C LYS A 45 -19.68 17.34 -0.66
N ARG A 46 -19.12 16.95 0.45
CA ARG A 46 -19.19 15.57 0.90
C ARG A 46 -19.81 15.53 2.28
N LEU A 47 -20.50 14.42 2.55
CA LEU A 47 -21.35 14.30 3.72
C LEU A 47 -20.59 14.48 5.01
N ARG A 48 -19.45 13.84 5.15
CA ARG A 48 -18.80 13.80 6.46
C ARG A 48 -18.27 15.15 6.92
N PRO A 49 -17.51 15.89 6.11
CA PRO A 49 -17.12 17.22 6.54
C PRO A 49 -18.29 18.17 6.67
N ALA A 50 -19.36 17.94 5.92
CA ALA A 50 -20.56 18.74 6.06
C ALA A 50 -21.27 18.46 7.37
N LEU A 51 -21.29 17.23 7.84
CA LEU A 51 -21.81 16.96 9.18
C LEU A 51 -20.96 17.65 10.20
N VAL A 52 -19.64 17.55 10.06
CA VAL A 52 -18.79 18.30 10.97
C VAL A 52 -19.21 19.75 10.98
N PHE A 53 -19.46 20.32 9.80
CA PHE A 53 -19.72 21.75 9.73
C PHE A 53 -21.10 22.11 10.26
N LEU A 54 -22.08 21.24 10.08
CA LEU A 54 -23.43 21.51 10.57
C LEU A 54 -23.54 21.36 12.07
N VAL A 55 -22.99 20.30 12.63
CA VAL A 55 -23.00 20.22 14.08
C VAL A 55 -22.15 21.32 14.65
N SER A 56 -21.04 21.65 14.00
CA SER A 56 -20.22 22.77 14.40
C SER A 56 -21.03 24.04 14.50
N ARG A 57 -21.83 24.34 13.47
CA ARG A 57 -22.55 25.60 13.43
C ARG A 57 -23.78 25.58 14.32
N ALA A 58 -24.54 24.49 14.35
CA ALA A 58 -25.68 24.37 15.23
C ALA A 58 -25.28 24.53 16.68
N THR A 59 -24.31 23.73 17.12
CA THR A 59 -23.88 23.79 18.51
C THR A 59 -23.14 25.07 18.83
N ALA A 60 -22.46 25.67 17.85
CA ALA A 60 -21.80 26.93 18.09
C ALA A 60 -22.82 28.03 18.30
N GLU A 61 -23.83 28.11 17.45
CA GLU A 61 -24.92 29.05 17.67
C GLU A 61 -25.55 28.84 19.04
N LEU A 62 -25.86 27.59 19.39
CA LEU A 62 -26.40 27.32 20.72
C LEU A 62 -25.47 27.80 21.81
N ALA A 63 -24.17 27.82 21.56
CA ALA A 63 -23.21 28.16 22.61
C ALA A 63 -22.87 29.63 22.70
N GLY A 64 -23.24 30.43 21.71
CA GLY A 64 -22.88 31.83 21.71
C GLY A 64 -21.69 32.18 20.84
N LEU A 65 -21.11 31.22 20.12
CA LEU A 65 -20.01 31.54 19.23
C LEU A 65 -20.54 32.27 18.02
N LEU A 66 -19.87 33.35 17.65
CA LEU A 66 -20.24 34.08 16.45
C LEU A 66 -19.61 33.50 15.20
N GLU A 67 -18.46 32.84 15.32
CA GLU A 67 -17.87 32.12 14.22
C GLU A 67 -17.46 30.73 14.66
N LEU A 68 -17.23 29.88 13.67
CA LEU A 68 -16.55 28.61 13.89
C LEU A 68 -15.08 28.84 14.14
N THR A 69 -14.54 28.11 15.09
CA THR A 69 -13.17 28.33 15.49
C THR A 69 -12.22 27.69 14.48
N THR A 70 -10.93 27.81 14.77
CA THR A 70 -9.88 27.13 14.02
C THR A 70 -9.92 25.65 14.27
N GLU A 71 -10.42 25.26 15.45
CA GLU A 71 -10.51 23.86 15.81
C GLU A 71 -11.58 23.15 15.01
N HIS A 72 -12.70 23.82 14.81
CA HIS A 72 -13.78 23.28 14.03
C HIS A 72 -13.36 23.01 12.61
N GLN A 73 -12.54 23.88 12.04
CA GLN A 73 -12.13 23.70 10.66
C GLN A 73 -10.98 22.73 10.53
N ARG A 74 -10.05 22.74 11.45
CA ARG A 74 -9.05 21.69 11.44
C ARG A 74 -9.69 20.35 11.65
N LEU A 75 -10.81 20.30 12.39
CA LEU A 75 -11.51 19.06 12.60
C LEU A 75 -12.22 18.59 11.36
N ALA A 76 -12.89 19.47 10.65
CA ALA A 76 -13.49 19.01 9.42
C ALA A 76 -12.44 18.46 8.44
N GLU A 77 -11.27 19.07 8.41
CA GLU A 77 -10.21 18.57 7.55
C GLU A 77 -9.61 17.28 8.06
N ILE A 78 -9.46 17.11 9.37
CA ILE A 78 -9.03 15.85 9.94
C ILE A 78 -9.98 14.75 9.51
N ILE A 79 -11.27 14.99 9.68
CA ILE A 79 -12.27 13.99 9.41
C ILE A 79 -12.24 13.60 7.97
N GLU A 80 -12.12 14.59 7.09
CA GLU A 80 -12.13 14.35 5.66
C GLU A 80 -10.87 13.66 5.15
N MET A 81 -9.71 14.02 5.66
CA MET A 81 -8.48 13.35 5.28
C MET A 81 -8.42 11.93 5.82
N ILE A 82 -8.97 11.69 7.01
CA ILE A 82 -9.03 10.35 7.54
C ILE A 82 -9.95 9.48 6.70
N HIS A 83 -11.14 9.97 6.40
CA HIS A 83 -12.06 9.19 5.60
C HIS A 83 -11.48 8.88 4.24
N THR A 84 -10.88 9.87 3.59
CA THR A 84 -10.33 9.68 2.26
C THR A 84 -9.13 8.75 2.26
N ALA A 85 -8.23 8.94 3.21
CA ALA A 85 -7.06 8.10 3.33
C ALA A 85 -7.43 6.66 3.57
N SER A 86 -8.47 6.43 4.38
CA SER A 86 -8.91 5.08 4.65
C SER A 86 -9.53 4.45 3.42
N LEU A 87 -10.24 5.22 2.61
CA LEU A 87 -10.83 4.61 1.41
C LEU A 87 -9.76 4.27 0.39
N ILE A 88 -8.75 5.12 0.23
CA ILE A 88 -7.64 4.81 -0.64
C ILE A 88 -6.92 3.55 -0.17
N HIS A 89 -6.65 3.46 1.12
CA HIS A 89 -5.95 2.30 1.63
C HIS A 89 -6.79 1.06 1.52
N ASP A 90 -8.08 1.18 1.71
CA ASP A 90 -8.98 0.06 1.56
C ASP A 90 -9.09 -0.39 0.13
N ASP A 91 -8.87 0.48 -0.84
CA ASP A 91 -8.90 0.00 -2.22
C ASP A 91 -7.61 -0.69 -2.60
N VAL A 92 -6.48 -0.25 -2.07
CA VAL A 92 -5.26 -1.01 -2.27
C VAL A 92 -5.36 -2.37 -1.60
N ILE A 93 -5.58 -2.39 -0.28
CA ILE A 93 -5.96 -3.61 0.38
C ILE A 93 -7.20 -4.09 -0.30
N ASP A 94 -7.37 -5.37 -0.42
CA ASP A 94 -8.50 -5.88 -1.20
C ASP A 94 -8.72 -5.15 -2.51
N ASP A 95 -7.84 -5.39 -3.47
CA ASP A 95 -7.71 -4.71 -4.75
C ASP A 95 -9.06 -4.38 -5.35
N SER A 96 -9.33 -3.11 -5.54
CA SER A 96 -10.61 -2.62 -6.04
C SER A 96 -10.32 -1.59 -7.11
N GLY A 97 -10.97 -1.77 -8.25
CA GLY A 97 -10.72 -0.89 -9.36
C GLY A 97 -11.57 0.34 -9.29
N MET A 98 -12.76 0.20 -8.72
CA MET A 98 -13.73 1.27 -8.69
C MET A 98 -14.25 1.46 -7.29
N ARG A 99 -14.81 2.62 -7.03
CA ARG A 99 -15.52 2.90 -5.79
C ARG A 99 -16.68 3.81 -6.15
N ARG A 100 -17.86 3.24 -6.23
CA ARG A 100 -19.06 3.98 -6.60
C ARG A 100 -18.94 4.60 -7.99
N GLY A 101 -18.54 3.78 -8.95
CA GLY A 101 -18.45 4.25 -10.32
C GLY A 101 -17.14 4.92 -10.65
N LYS A 102 -16.82 5.98 -9.91
CA LYS A 102 -15.52 6.62 -10.04
C LYS A 102 -14.42 5.58 -9.89
N GLU A 103 -13.30 5.81 -10.55
CA GLU A 103 -12.16 4.92 -10.43
C GLU A 103 -11.27 5.34 -9.27
N THR A 104 -10.58 4.36 -8.70
CA THR A 104 -9.84 4.58 -7.46
C THR A 104 -8.49 5.21 -7.75
N ILE A 105 -7.85 5.70 -6.70
CA ILE A 105 -6.51 6.26 -6.83
C ILE A 105 -5.52 5.17 -7.13
N HIS A 106 -5.69 4.03 -6.50
CA HIS A 106 -4.89 2.86 -6.75
C HIS A 106 -4.90 2.48 -8.22
N GLN A 107 -6.05 2.58 -8.88
CA GLN A 107 -6.11 2.22 -10.29
C GLN A 107 -5.47 3.27 -11.19
N LEU A 108 -5.83 4.53 -11.00
CA LEU A 108 -5.30 5.60 -11.83
C LEU A 108 -3.80 5.75 -11.69
N TYR A 109 -3.31 5.90 -10.46
CA TYR A 109 -1.92 6.23 -10.26
C TYR A 109 -1.07 5.05 -9.84
N GLY A 110 -1.66 3.94 -9.48
CA GLY A 110 -0.90 2.81 -9.05
C GLY A 110 -0.86 2.71 -7.53
N THR A 111 -0.51 1.52 -7.09
CA THR A 111 -0.49 1.22 -5.67
C THR A 111 0.52 2.06 -4.94
N ARG A 112 1.66 2.29 -5.53
CA ARG A 112 2.71 3.05 -4.86
C ARG A 112 2.25 4.46 -4.56
N VAL A 113 1.58 5.09 -5.52
CA VAL A 113 1.11 6.44 -5.31
C VAL A 113 -0.08 6.46 -4.38
N ALA A 114 -0.95 5.46 -4.46
CA ALA A 114 -2.09 5.41 -3.58
C ALA A 114 -1.67 5.21 -2.15
N VAL A 115 -0.71 4.34 -1.92
CA VAL A 115 -0.23 4.14 -0.56
C VAL A 115 0.48 5.38 -0.06
N LEU A 116 1.25 6.04 -0.92
CA LEU A 116 1.88 7.27 -0.52
C LEU A 116 0.87 8.36 -0.20
N ALA A 117 -0.18 8.48 -1.01
CA ALA A 117 -1.19 9.51 -0.82
C ALA A 117 -1.99 9.28 0.44
N GLY A 118 -2.42 8.05 0.68
CA GLY A 118 -3.11 7.73 1.90
C GLY A 118 -2.25 7.91 3.13
N ASP A 119 -0.99 7.51 3.05
CA ASP A 119 -0.07 7.71 4.15
C ASP A 119 0.13 9.17 4.45
N PHE A 120 0.27 9.97 3.42
CA PHE A 120 0.44 11.40 3.56
C PHE A 120 -0.76 12.04 4.24
N MET A 121 -1.96 11.65 3.84
CA MET A 121 -3.16 12.21 4.47
C MET A 121 -3.30 11.76 5.90
N PHE A 122 -2.95 10.52 6.19
CA PHE A 122 -2.98 10.05 7.56
C PHE A 122 -1.96 10.78 8.43
N ALA A 123 -0.76 11.03 7.91
CA ALA A 123 0.23 11.81 8.61
C ALA A 123 -0.25 13.22 8.88
N GLN A 124 -0.84 13.86 7.88
CA GLN A 124 -1.34 15.21 8.06
C GLN A 124 -2.43 15.27 9.10
N SER A 125 -3.33 14.28 9.10
CA SER A 125 -4.38 14.21 10.09
C SER A 125 -3.83 13.98 11.48
N SER A 126 -2.88 13.07 11.63
CA SER A 126 -2.23 12.85 12.93
C SER A 126 -1.72 14.13 13.51
N TRP A 127 -1.07 14.93 12.69
CA TRP A 127 -0.46 16.15 13.13
C TRP A 127 -1.49 17.24 13.44
N PHE A 128 -2.47 17.42 12.57
CA PHE A 128 -3.55 18.35 12.84
C PHE A 128 -4.24 18.05 14.15
N LEU A 129 -4.46 16.76 14.39
CA LEU A 129 -5.15 16.29 15.56
C LEU A 129 -4.34 16.51 16.80
N ALA A 130 -3.06 16.15 16.77
CA ALA A 130 -2.18 16.47 17.89
C ALA A 130 -2.22 17.95 18.23
N ASN A 131 -2.32 18.79 17.22
CA ASN A 131 -2.22 20.21 17.45
C ASN A 131 -3.56 20.86 17.74
N LEU A 132 -4.67 20.12 17.65
CA LEU A 132 -5.90 20.55 18.31
C LEU A 132 -5.70 20.70 19.80
N GLU A 133 -4.83 19.90 20.38
CA GLU A 133 -4.45 19.94 21.79
C GLU A 133 -5.59 19.63 22.72
N ASN A 134 -6.64 19.00 22.21
CA ASN A 134 -7.76 18.54 22.99
C ASN A 134 -7.61 17.04 23.15
N ILE A 135 -7.31 16.60 24.37
CA ILE A 135 -6.99 15.20 24.59
C ILE A 135 -8.19 14.31 24.37
N GLU A 136 -9.38 14.82 24.65
CA GLU A 136 -10.60 14.06 24.44
C GLU A 136 -10.90 13.89 22.96
N VAL A 137 -10.67 14.91 22.17
CA VAL A 137 -10.85 14.80 20.73
C VAL A 137 -9.76 13.94 20.11
N ILE A 138 -8.53 14.06 20.59
CA ILE A 138 -7.46 13.21 20.10
C ILE A 138 -7.78 11.76 20.39
N LYS A 139 -8.38 11.49 21.55
CA LYS A 139 -8.76 10.13 21.92
C LYS A 139 -9.92 9.60 21.09
N LEU A 140 -10.94 10.42 20.85
CA LEU A 140 -12.01 10.01 19.99
C LEU A 140 -11.51 9.65 18.63
N ILE A 141 -10.61 10.44 18.08
CA ILE A 141 -10.20 10.19 16.70
C ILE A 141 -9.22 9.02 16.63
N SER A 142 -8.39 8.84 17.63
CA SER A 142 -7.52 7.68 17.70
C SER A 142 -8.31 6.42 17.86
N GLN A 143 -9.45 6.50 18.53
CA GLN A 143 -10.36 5.39 18.57
C GLN A 143 -10.98 5.13 17.20
N VAL A 144 -11.25 6.15 16.42
CA VAL A 144 -11.72 5.89 15.07
C VAL A 144 -10.68 5.13 14.26
N ILE A 145 -9.43 5.51 14.39
CA ILE A 145 -8.38 4.85 13.61
C ILE A 145 -8.15 3.43 14.10
N LYS A 146 -8.17 3.24 15.41
CA LYS A 146 -8.04 1.92 15.96
C LYS A 146 -9.21 1.04 15.56
N ASP A 147 -10.40 1.60 15.47
CA ASP A 147 -11.56 0.87 15.03
C ASP A 147 -11.49 0.54 13.57
N PHE A 148 -10.82 1.32 12.74
CA PHE A 148 -10.55 0.85 11.38
C PHE A 148 -9.74 -0.43 11.40
N ALA A 149 -8.74 -0.49 12.25
CA ALA A 149 -7.95 -1.72 12.39
C ALA A 149 -8.79 -2.88 12.92
N SER A 150 -9.55 -2.65 13.99
CA SER A 150 -10.49 -3.65 14.51
C SER A 150 -11.47 -4.10 13.45
N GLY A 151 -11.90 -3.20 12.59
CA GLY A 151 -12.87 -3.58 11.62
C GLY A 151 -12.28 -4.43 10.53
N GLU A 152 -11.04 -4.17 10.15
CA GLU A 152 -10.38 -5.04 9.19
C GLU A 152 -10.22 -6.45 9.76
N ILE A 153 -9.71 -6.53 10.98
CA ILE A 153 -9.57 -7.82 11.64
C ILE A 153 -10.90 -8.56 11.68
N LYS A 154 -11.95 -7.90 12.14
CA LYS A 154 -13.22 -8.57 12.35
C LYS A 154 -13.91 -8.90 11.05
N GLN A 155 -13.71 -8.09 10.03
CA GLN A 155 -14.25 -8.40 8.73
C GLN A 155 -13.62 -9.64 8.15
N ALA A 156 -12.30 -9.76 8.26
CA ALA A 156 -11.67 -10.97 7.76
C ALA A 156 -12.05 -12.17 8.61
N SER A 157 -12.31 -11.95 9.87
CA SER A 157 -12.61 -13.05 10.77
C SER A 157 -14.01 -13.60 10.55
N THR A 158 -14.95 -12.78 10.08
CA THR A 158 -16.33 -13.23 10.00
C THR A 158 -16.76 -13.58 8.58
N LEU A 159 -15.84 -13.74 7.66
CA LEU A 159 -16.24 -14.04 6.30
C LEU A 159 -16.94 -15.39 6.27
N PHE A 160 -18.11 -15.44 5.65
CA PHE A 160 -18.88 -16.65 5.44
C PHE A 160 -19.33 -17.29 6.72
N ASP A 161 -19.40 -16.53 7.79
CA ASP A 161 -19.75 -17.02 9.11
C ASP A 161 -21.24 -16.78 9.32
N CYS A 162 -22.05 -17.80 9.01
CA CYS A 162 -23.49 -17.66 9.04
C CYS A 162 -24.06 -17.51 10.44
N ASP A 163 -23.24 -17.62 11.46
CA ASP A 163 -23.67 -17.46 12.84
C ASP A 163 -23.46 -16.06 13.36
N ILE A 164 -23.03 -15.14 12.51
CA ILE A 164 -22.88 -13.75 12.91
C ILE A 164 -24.24 -13.19 13.30
N THR A 165 -24.25 -12.41 14.37
CA THR A 165 -25.49 -11.84 14.84
C THR A 165 -25.68 -10.46 14.23
N LEU A 166 -26.78 -9.82 14.60
CA LEU A 166 -27.03 -8.44 14.22
C LEU A 166 -26.28 -7.45 15.11
N ASP A 167 -25.95 -7.79 16.35
CA ASP A 167 -25.07 -6.94 17.13
C ASP A 167 -23.64 -7.01 16.62
N ASP A 168 -23.20 -8.19 16.22
CA ASP A 168 -21.91 -8.33 15.55
C ASP A 168 -21.87 -7.53 14.26
N TYR A 169 -22.92 -7.64 13.46
CA TYR A 169 -22.94 -6.91 12.21
C TYR A 169 -22.98 -5.42 12.45
N LEU A 170 -23.76 -4.98 13.41
CA LEU A 170 -23.84 -3.57 13.66
C LEU A 170 -22.55 -3.05 14.22
N LEU A 171 -21.75 -3.88 14.86
CA LEU A 171 -20.44 -3.45 15.28
C LEU A 171 -19.48 -3.37 14.11
N LYS A 172 -19.58 -4.26 13.15
CA LYS A 172 -18.78 -4.12 11.94
C LYS A 172 -19.16 -2.87 11.15
N SER A 173 -20.46 -2.53 11.12
CA SER A 173 -20.95 -1.32 10.51
C SER A 173 -20.49 -0.09 11.25
N TYR A 174 -20.46 -0.15 12.56
CA TYR A 174 -19.85 0.90 13.34
C TYR A 174 -18.40 1.11 12.97
N TYR A 175 -17.60 0.05 13.08
CA TYR A 175 -16.17 0.12 12.80
C TYR A 175 -15.89 0.70 11.46
N LYS A 176 -16.74 0.39 10.51
CA LYS A 176 -16.53 0.79 9.14
C LYS A 176 -16.95 2.22 8.89
N THR A 177 -18.10 2.62 9.40
CA THR A 177 -18.72 3.86 8.98
C THR A 177 -19.08 4.75 10.13
N ALA A 178 -19.68 4.18 11.17
CA ALA A 178 -20.42 5.00 12.11
C ALA A 178 -19.50 5.65 13.09
N SER A 179 -18.36 5.03 13.32
CA SER A 179 -17.42 5.46 14.34
C SER A 179 -16.86 6.83 14.04
N LEU A 180 -16.50 7.07 12.78
CA LEU A 180 -15.91 8.31 12.37
C LEU A 180 -16.93 9.43 12.34
N ILE A 181 -18.15 9.15 11.94
CA ILE A 181 -19.20 10.15 12.00
C ILE A 181 -19.55 10.49 13.45
N ALA A 182 -19.71 9.48 14.28
CA ALA A 182 -20.03 9.72 15.67
C ALA A 182 -18.93 10.51 16.33
N ALA A 183 -17.68 10.23 15.99
CA ALA A 183 -16.56 10.94 16.56
C ALA A 183 -16.52 12.36 16.10
N SER A 184 -16.74 12.60 14.81
CA SER A 184 -16.71 13.92 14.25
C SER A 184 -17.80 14.78 14.81
N THR A 185 -18.98 14.22 15.05
CA THR A 185 -20.06 15.07 15.56
C THR A 185 -19.94 15.31 17.05
N ARG A 186 -19.48 14.33 17.82
CA ARG A 186 -19.18 14.67 19.20
C ARG A 186 -18.04 15.67 19.31
N SER A 187 -17.02 15.59 18.44
CA SER A 187 -15.91 16.54 18.49
C SER A 187 -16.34 17.93 18.06
N ALA A 188 -17.19 18.04 17.04
CA ALA A 188 -17.75 19.32 16.64
C ALA A 188 -18.49 19.97 17.77
N ALA A 189 -19.34 19.19 18.44
CA ALA A 189 -19.99 19.68 19.65
C ALA A 189 -18.99 20.08 20.72
N ILE A 190 -17.91 19.33 20.88
CA ILE A 190 -16.94 19.58 21.94
C ILE A 190 -16.25 20.92 21.73
N PHE A 191 -15.83 21.17 20.50
CA PHE A 191 -15.15 22.41 20.17
C PHE A 191 -16.10 23.58 20.22
N SER A 192 -17.39 23.39 19.91
CA SER A 192 -18.39 24.43 20.13
C SER A 192 -18.57 24.80 21.59
N GLY A 193 -18.11 23.97 22.53
CA GLY A 193 -18.17 24.31 23.92
C GLY A 193 -19.45 23.98 24.65
N VAL A 194 -20.38 23.29 24.01
CA VAL A 194 -21.65 22.93 24.62
C VAL A 194 -21.45 21.72 25.53
N SER A 195 -22.47 21.46 26.33
CA SER A 195 -22.38 20.59 27.48
C SER A 195 -22.08 19.15 27.10
N THR A 196 -21.72 18.36 28.09
CA THR A 196 -21.46 16.95 27.86
C THR A 196 -22.73 16.23 27.44
N ALA A 197 -23.89 16.77 27.78
CA ALA A 197 -25.14 16.16 27.35
C ALA A 197 -25.36 16.39 25.88
N ILE A 198 -25.06 17.57 25.38
CA ILE A 198 -25.22 17.84 23.97
C ILE A 198 -24.09 17.18 23.16
N CYS A 199 -22.92 17.00 23.75
CA CYS A 199 -21.87 16.28 23.07
C CYS A 199 -22.16 14.80 23.01
N GLU A 200 -22.85 14.25 24.01
CA GLU A 200 -23.25 12.86 23.92
C GLU A 200 -24.44 12.69 22.97
N GLN A 201 -25.36 13.62 22.96
CA GLN A 201 -26.42 13.55 21.99
C GLN A 201 -25.88 13.73 20.59
N MET A 202 -24.74 14.39 20.41
CA MET A 202 -24.19 14.46 19.07
C MET A 202 -23.33 13.27 18.75
N TYR A 203 -22.74 12.61 19.74
CA TYR A 203 -22.17 11.31 19.45
C TYR A 203 -23.25 10.35 19.01
N GLU A 204 -24.41 10.42 19.64
CA GLU A 204 -25.47 9.49 19.30
C GLU A 204 -26.15 9.88 18.00
N TYR A 205 -26.23 11.16 17.71
CA TYR A 205 -26.66 11.57 16.39
C TYR A 205 -25.74 11.01 15.32
N GLY A 206 -24.43 11.11 15.51
CA GLY A 206 -23.51 10.68 14.49
C GLY A 206 -23.42 9.19 14.37
N ARG A 207 -23.56 8.48 15.47
CA ARG A 207 -23.46 7.02 15.38
C ARG A 207 -24.71 6.40 14.85
N ASN A 208 -25.87 6.95 15.16
CA ASN A 208 -27.06 6.39 14.54
C ASN A 208 -27.25 6.89 13.15
N LEU A 209 -26.79 8.08 12.82
CA LEU A 209 -26.81 8.47 11.42
C LEU A 209 -25.86 7.63 10.57
N GLY A 210 -24.67 7.36 11.07
CA GLY A 210 -23.75 6.52 10.35
C GLY A 210 -24.15 5.08 10.30
N LEU A 211 -24.87 4.59 11.30
CA LEU A 211 -25.41 3.24 11.23
C LEU A 211 -26.53 3.14 10.23
N SER A 212 -27.46 4.10 10.22
CA SER A 212 -28.46 4.11 9.16
C SER A 212 -27.81 4.16 7.80
N PHE A 213 -26.80 4.99 7.63
CA PHE A 213 -26.16 5.07 6.33
C PHE A 213 -25.57 3.74 5.93
N GLN A 214 -24.89 3.08 6.85
CA GLN A 214 -24.30 1.80 6.51
C GLN A 214 -25.36 0.75 6.24
N VAL A 215 -26.44 0.74 7.00
CA VAL A 215 -27.52 -0.22 6.76
C VAL A 215 -28.16 0.01 5.41
N VAL A 216 -28.29 1.27 4.99
CA VAL A 216 -28.93 1.56 3.73
C VAL A 216 -28.01 1.29 2.55
N ASP A 217 -26.70 1.45 2.70
CA ASP A 217 -25.81 1.00 1.64
C ASP A 217 -25.74 -0.51 1.59
N ASP A 218 -25.88 -1.15 2.74
CA ASP A 218 -25.98 -2.59 2.78
C ASP A 218 -27.23 -3.08 2.07
N ILE A 219 -28.31 -2.32 2.12
CA ILE A 219 -29.53 -2.68 1.40
C ILE A 219 -29.39 -2.40 -0.07
N LEU A 220 -28.78 -1.28 -0.43
CA LEU A 220 -28.69 -0.92 -1.85
C LEU A 220 -27.76 -1.84 -2.60
N ASP A 221 -26.84 -2.49 -1.93
CA ASP A 221 -26.06 -3.49 -2.65
C ASP A 221 -26.86 -4.72 -3.01
N PHE A 222 -28.12 -4.82 -2.58
CA PHE A 222 -29.07 -5.79 -3.12
C PHE A 222 -30.04 -5.13 -4.07
N THR A 223 -30.58 -3.99 -3.66
CA THR A 223 -31.61 -3.31 -4.43
C THR A 223 -31.10 -2.88 -5.78
N GLN A 224 -30.07 -2.06 -5.80
CA GLN A 224 -29.61 -1.46 -7.05
C GLN A 224 -29.17 -2.53 -8.04
N SER A 225 -29.44 -2.28 -9.32
CA SER A 225 -29.15 -3.24 -10.36
C SER A 225 -27.64 -3.32 -10.62
N ALA A 226 -27.24 -4.40 -11.29
CA ALA A 226 -25.82 -4.67 -11.47
C ALA A 226 -25.09 -3.59 -12.25
N GLU A 227 -25.82 -2.74 -12.98
CA GLU A 227 -25.18 -1.66 -13.71
C GLU A 227 -25.33 -0.32 -13.01
N GLN A 228 -26.44 -0.09 -12.33
CA GLN A 228 -26.54 1.05 -11.43
C GLN A 228 -25.42 1.03 -10.40
N LEU A 229 -25.02 -0.17 -9.98
CA LEU A 229 -23.80 -0.36 -9.21
C LEU A 229 -22.65 -0.63 -10.17
N GLY A 230 -21.45 -0.20 -9.81
CA GLY A 230 -20.30 -0.56 -10.60
C GLY A 230 -20.03 -2.05 -10.59
N LYS A 231 -20.70 -2.78 -9.70
CA LYS A 231 -20.51 -4.19 -9.46
C LYS A 231 -21.84 -4.91 -9.45
N PRO A 232 -21.82 -6.25 -9.55
CA PRO A 232 -23.07 -7.02 -9.45
C PRO A 232 -23.84 -6.74 -8.18
N ALA A 233 -25.15 -6.93 -8.27
CA ALA A 233 -26.00 -6.76 -7.10
C ALA A 233 -25.80 -7.94 -6.16
N GLY A 234 -25.56 -7.65 -4.89
CA GLY A 234 -25.24 -8.71 -3.97
C GLY A 234 -23.80 -9.10 -4.08
N SER A 235 -22.91 -8.12 -4.09
CA SER A 235 -21.48 -8.38 -4.11
C SER A 235 -20.87 -8.42 -2.72
N ASP A 236 -21.51 -7.83 -1.73
CA ASP A 236 -21.09 -8.06 -0.37
C ASP A 236 -21.35 -9.49 0.04
N LEU A 237 -22.30 -10.16 -0.62
CA LEU A 237 -22.64 -11.53 -0.29
C LEU A 237 -21.72 -12.51 -0.97
N ALA A 238 -21.51 -12.34 -2.27
CA ALA A 238 -20.59 -13.19 -3.00
C ALA A 238 -19.26 -13.32 -2.30
N LYS A 239 -18.86 -12.29 -1.57
CA LYS A 239 -17.52 -12.19 -1.07
C LYS A 239 -17.38 -12.71 0.33
N GLY A 240 -18.48 -13.05 0.97
CA GLY A 240 -18.47 -13.60 2.29
C GLY A 240 -18.90 -12.66 3.36
N ASN A 241 -19.21 -11.43 3.01
CA ASN A 241 -19.51 -10.38 3.97
C ASN A 241 -21.02 -10.33 4.17
N LEU A 242 -21.50 -10.91 5.24
CA LEU A 242 -22.94 -11.07 5.39
C LEU A 242 -23.52 -9.83 6.02
N THR A 243 -24.31 -9.07 5.27
CA THR A 243 -24.86 -7.82 5.79
C THR A 243 -26.23 -8.11 6.39
N ALA A 244 -26.90 -7.07 6.86
CA ALA A 244 -28.12 -7.23 7.63
C ALA A 244 -29.31 -7.77 6.84
N PRO A 245 -29.47 -7.46 5.56
CA PRO A 245 -30.46 -8.21 4.78
C PRO A 245 -30.25 -9.73 4.76
N VAL A 246 -29.02 -10.19 4.58
CA VAL A 246 -28.73 -11.62 4.67
C VAL A 246 -28.86 -12.12 6.10
N ILE A 247 -28.44 -11.34 7.09
CA ILE A 247 -28.55 -11.84 8.46
C ILE A 247 -30.00 -11.99 8.84
N PHE A 248 -30.85 -11.11 8.36
CA PHE A 248 -32.27 -11.23 8.64
C PHE A 248 -32.88 -12.36 7.85
N ALA A 249 -32.32 -12.67 6.70
CA ALA A 249 -32.83 -13.78 5.91
C ALA A 249 -32.45 -15.14 6.47
N LEU A 250 -31.25 -15.28 7.00
CA LEU A 250 -30.79 -16.54 7.57
C LEU A 250 -31.47 -16.90 8.87
N GLN A 251 -32.26 -16.00 9.45
CA GLN A 251 -32.95 -16.31 10.70
C GLN A 251 -34.10 -17.27 10.47
N ASP A 252 -34.66 -17.30 9.27
CA ASP A 252 -35.76 -18.21 8.98
C ASP A 252 -35.55 -19.08 7.74
N GLU A 253 -34.65 -18.71 6.85
CA GLU A 253 -34.37 -19.54 5.68
C GLU A 253 -33.19 -20.44 5.98
N PRO A 254 -33.35 -21.75 5.95
CA PRO A 254 -32.19 -22.62 6.11
C PRO A 254 -31.44 -22.86 4.82
N GLN A 255 -32.17 -22.88 3.70
CA GLN A 255 -31.53 -23.12 2.42
C GLN A 255 -30.45 -22.10 2.15
N LEU A 256 -30.68 -20.86 2.56
CA LEU A 256 -29.67 -19.84 2.37
C LEU A 256 -28.45 -20.15 3.20
N ARG A 257 -28.62 -20.74 4.38
CA ARG A 257 -27.46 -21.11 5.18
C ARG A 257 -26.66 -22.22 4.50
N GLU A 258 -27.33 -23.18 3.91
CA GLU A 258 -26.58 -24.16 3.15
C GLU A 258 -25.92 -23.55 1.92
N ILE A 259 -26.49 -22.48 1.38
CA ILE A 259 -25.88 -21.86 0.21
C ILE A 259 -24.64 -21.08 0.61
N ILE A 260 -24.70 -20.33 1.69
CA ILE A 260 -23.55 -19.53 2.06
C ILE A 260 -22.47 -20.39 2.66
N ASP A 261 -22.85 -21.49 3.32
CA ASP A 261 -21.87 -22.40 3.91
C ASP A 261 -21.00 -23.06 2.86
N SER A 262 -21.60 -23.45 1.76
CA SER A 262 -20.82 -23.96 0.65
C SER A 262 -19.96 -22.89 0.00
N GLU A 263 -20.02 -21.66 0.51
CA GLU A 263 -19.44 -20.49 -0.12
C GLU A 263 -19.89 -20.37 -1.57
N PHE A 264 -21.19 -20.62 -1.79
CA PHE A 264 -21.80 -20.56 -3.11
C PHE A 264 -21.12 -21.55 -4.06
N SER A 265 -21.05 -22.80 -3.61
CA SER A 265 -20.39 -23.82 -4.41
C SER A 265 -21.20 -24.16 -5.63
N GLU A 266 -22.51 -24.34 -5.48
CA GLU A 266 -23.34 -24.61 -6.64
C GLU A 266 -23.31 -23.45 -7.59
N THR A 267 -23.50 -23.76 -8.87
CA THR A 267 -23.59 -22.71 -9.86
C THR A 267 -24.97 -22.09 -9.77
N ASN A 268 -25.03 -20.79 -10.06
CA ASN A 268 -26.22 -19.97 -9.95
C ASN A 268 -26.60 -19.76 -8.48
N SER A 269 -25.72 -20.13 -7.56
CA SER A 269 -26.07 -20.19 -6.17
C SER A 269 -26.08 -18.84 -5.51
N LEU A 270 -25.32 -17.89 -6.05
CA LEU A 270 -25.40 -16.53 -5.55
C LEU A 270 -26.75 -15.91 -5.86
N ALA A 271 -27.26 -16.12 -7.08
CA ALA A 271 -28.59 -15.64 -7.45
C ALA A 271 -29.69 -16.36 -6.69
N THR A 272 -29.51 -17.64 -6.40
CA THR A 272 -30.47 -18.30 -5.53
C THR A 272 -30.45 -17.68 -4.14
N ALA A 273 -29.26 -17.36 -3.64
CA ALA A 273 -29.19 -16.71 -2.34
C ALA A 273 -29.78 -15.32 -2.38
N ILE A 274 -29.61 -14.61 -3.50
CA ILE A 274 -30.19 -13.28 -3.62
C ILE A 274 -31.70 -13.36 -3.56
N GLU A 275 -32.28 -14.29 -4.30
CA GLU A 275 -33.72 -14.39 -4.26
C GLU A 275 -34.22 -14.90 -2.91
N LEU A 276 -33.43 -15.72 -2.22
CA LEU A 276 -33.85 -16.09 -0.88
C LEU A 276 -33.80 -14.89 0.07
N VAL A 277 -32.90 -13.94 -0.17
CA VAL A 277 -32.93 -12.71 0.61
C VAL A 277 -34.17 -11.88 0.28
N HIS A 278 -34.46 -11.71 -1.01
CA HIS A 278 -35.61 -10.91 -1.40
C HIS A 278 -36.92 -11.56 -1.01
N ARG A 279 -36.93 -12.87 -0.85
CA ARG A 279 -38.13 -13.59 -0.46
C ARG A 279 -38.30 -13.62 1.06
N SER A 280 -37.20 -13.73 1.79
CA SER A 280 -37.28 -13.83 3.24
C SER A 280 -37.89 -12.61 3.88
N GLY A 281 -37.98 -11.50 3.15
CA GLY A 281 -38.30 -10.26 3.80
C GLY A 281 -37.22 -9.83 4.75
N GLY A 282 -35.97 -10.14 4.44
CA GLY A 282 -34.88 -9.60 5.21
C GLY A 282 -34.55 -8.21 4.78
N ILE A 283 -34.82 -7.88 3.52
CA ILE A 283 -34.65 -6.53 3.03
C ILE A 283 -35.60 -5.57 3.74
N LYS A 284 -36.83 -6.00 4.01
CA LYS A 284 -37.76 -5.11 4.67
C LYS A 284 -37.42 -4.91 6.13
N ARG A 285 -36.93 -5.93 6.81
CA ARG A 285 -36.50 -5.77 8.18
C ARG A 285 -35.19 -4.99 8.28
N ALA A 286 -34.37 -5.03 7.23
CA ALA A 286 -33.21 -4.15 7.16
C ALA A 286 -33.63 -2.72 6.88
N HIS A 287 -34.63 -2.52 6.03
CA HIS A 287 -35.21 -1.21 5.81
C HIS A 287 -35.73 -0.61 7.11
N GLU A 288 -36.42 -1.41 7.91
CA GLU A 288 -36.86 -0.91 9.20
C GLU A 288 -35.73 -0.79 10.19
N LEU A 289 -34.68 -1.58 10.04
CA LEU A 289 -33.48 -1.41 10.85
C LEU A 289 -32.90 -0.02 10.64
N ALA A 290 -32.79 0.36 9.38
CA ALA A 290 -32.29 1.67 9.00
C ALA A 290 -33.20 2.77 9.50
N ARG A 291 -34.51 2.59 9.39
CA ARG A 291 -35.43 3.63 9.86
C ARG A 291 -35.33 3.82 11.37
N GLU A 292 -35.23 2.75 12.12
CA GLU A 292 -35.07 2.90 13.55
C GLU A 292 -33.76 3.58 13.90
N LYS A 293 -32.69 3.24 13.19
CA LYS A 293 -31.43 3.94 13.42
C LYS A 293 -31.60 5.43 13.19
N GLY A 294 -32.18 5.79 12.05
CA GLY A 294 -32.35 7.18 11.72
C GLY A 294 -33.25 7.92 12.67
N GLU A 295 -34.23 7.24 13.24
CA GLU A 295 -35.11 7.90 14.20
C GLU A 295 -34.44 8.13 15.52
N ILE A 296 -33.55 7.24 15.95
CA ILE A 296 -32.76 7.58 17.13
C ILE A 296 -31.88 8.79 16.86
N ALA A 297 -31.39 8.93 15.63
CA ALA A 297 -30.60 10.12 15.27
C ALA A 297 -31.44 11.40 15.31
N ILE A 298 -32.63 11.35 14.73
CA ILE A 298 -33.50 12.51 14.76
C ILE A 298 -33.91 12.86 16.18
N GLN A 299 -34.18 11.87 17.00
CA GLN A 299 -34.43 12.19 18.39
C GLN A 299 -33.17 12.65 19.08
N SER A 300 -32.01 12.34 18.52
CA SER A 300 -30.76 12.82 19.10
C SER A 300 -30.65 14.31 18.97
N LEU A 301 -31.16 14.84 17.88
CA LEU A 301 -31.01 16.26 17.63
C LEU A 301 -31.95 17.15 18.42
N GLN A 302 -32.92 16.60 19.15
CA GLN A 302 -33.92 17.47 19.77
C GLN A 302 -33.31 18.40 20.81
N CYS A 303 -32.11 18.12 21.26
CA CYS A 303 -31.41 19.02 22.17
C CYS A 303 -31.03 20.33 21.50
N LEU A 304 -31.07 20.39 20.22
CA LEU A 304 -30.56 21.58 19.55
C LEU A 304 -31.70 22.55 19.31
N PRO A 305 -31.51 23.84 19.63
CA PRO A 305 -32.52 24.83 19.28
C PRO A 305 -32.83 24.78 17.81
N ARG A 306 -34.06 25.12 17.47
CA ARG A 306 -34.48 25.15 16.08
C ARG A 306 -33.50 25.98 15.27
N SER A 307 -33.15 25.51 14.08
CA SER A 307 -32.29 26.27 13.19
C SER A 307 -32.32 25.65 11.82
N GLU A 308 -31.62 26.29 10.88
CA GLU A 308 -31.39 25.70 9.57
C GLU A 308 -30.35 24.60 9.66
N PHE A 309 -29.50 24.66 10.67
CA PHE A 309 -28.46 23.67 10.85
C PHE A 309 -29.04 22.34 11.27
N ARG A 310 -29.86 22.32 12.32
CA ARG A 310 -30.42 21.04 12.69
C ARG A 310 -31.57 20.63 11.79
N SER A 311 -32.18 21.54 11.07
CA SER A 311 -33.08 21.07 10.05
C SER A 311 -32.32 20.34 8.94
N THR A 312 -31.15 20.83 8.56
CA THR A 312 -30.37 20.09 7.58
C THR A 312 -29.84 18.79 8.17
N LEU A 313 -29.64 18.73 9.48
CA LEU A 313 -29.21 17.49 10.08
C LEU A 313 -30.34 16.44 10.04
N GLU A 314 -31.55 16.86 10.37
CA GLU A 314 -32.69 15.98 10.23
C GLU A 314 -32.91 15.58 8.78
N ASN A 315 -32.64 16.46 7.82
CA ASN A 315 -32.75 16.06 6.41
C ASN A 315 -31.61 15.17 5.96
N MET A 316 -30.46 15.22 6.63
CA MET A 316 -29.44 14.19 6.43
C MET A 316 -30.06 12.84 6.68
N VAL A 317 -30.72 12.70 7.82
CA VAL A 317 -31.38 11.45 8.14
C VAL A 317 -32.45 11.11 7.11
N LYS A 318 -33.29 12.07 6.78
CA LYS A 318 -34.40 11.79 5.87
C LYS A 318 -33.93 11.45 4.46
N TYR A 319 -32.90 12.12 3.95
CA TYR A 319 -32.38 11.77 2.65
C TYR A 319 -31.84 10.37 2.66
N ASN A 320 -31.13 10.01 3.71
CA ASN A 320 -30.62 8.66 3.76
C ASN A 320 -31.76 7.67 3.71
N LEU A 321 -32.81 7.90 4.48
CA LEU A 321 -33.86 6.90 4.53
C LEU A 321 -34.70 6.88 3.26
N GLU A 322 -34.73 7.95 2.51
CA GLU A 322 -35.49 7.92 1.27
C GLU A 322 -34.64 7.56 0.05
N ARG A 323 -33.35 7.34 0.24
CA ARG A 323 -32.51 6.69 -0.75
C ARG A 323 -32.88 5.24 -0.97
N ILE A 324 -33.68 4.64 -0.09
CA ILE A 324 -34.16 3.27 -0.27
C ILE A 324 -35.68 3.21 -0.33
N ASP A 325 -36.31 4.25 -0.84
CA ASP A 325 -37.77 4.31 -0.89
C ASP A 325 -38.41 4.35 0.50
N GLU B 1 -7.19 -55.41 -18.44
CA GLU B 1 -8.58 -54.96 -18.30
C GLU B 1 -8.70 -53.50 -18.72
N ALA B 2 -9.84 -53.13 -19.31
CA ALA B 2 -10.04 -51.80 -19.84
C ALA B 2 -11.36 -51.15 -19.43
N ALA B 3 -12.37 -51.92 -19.05
CA ALA B 3 -13.63 -51.31 -18.62
C ALA B 3 -13.41 -50.46 -17.37
N LEU B 4 -13.08 -51.10 -16.26
CA LEU B 4 -12.78 -50.30 -15.08
C LEU B 4 -11.45 -49.57 -15.21
N GLY B 5 -10.58 -50.00 -16.14
CA GLY B 5 -9.37 -49.24 -16.40
C GLY B 5 -9.66 -47.87 -17.00
N ASP B 6 -10.40 -47.83 -18.10
CA ASP B 6 -10.70 -46.53 -18.67
C ASP B 6 -11.76 -45.79 -17.86
N ALA B 7 -12.54 -46.51 -17.04
CA ALA B 7 -13.39 -45.82 -16.07
C ALA B 7 -12.53 -45.12 -15.01
N LYS B 8 -11.47 -45.77 -14.58
CA LYS B 8 -10.49 -45.14 -13.71
C LYS B 8 -9.92 -43.89 -14.36
N ASP B 9 -9.55 -44.00 -15.62
CA ASP B 9 -9.06 -42.81 -16.33
C ASP B 9 -10.14 -41.74 -16.42
N ALA B 10 -11.39 -42.16 -16.54
CA ALA B 10 -12.49 -41.20 -16.59
C ALA B 10 -12.64 -40.47 -15.26
N LEU B 11 -12.53 -41.20 -14.16
CA LEU B 11 -12.56 -40.56 -12.85
C LEU B 11 -11.40 -39.59 -12.69
N TYR B 12 -10.21 -39.98 -13.16
CA TYR B 12 -9.08 -39.07 -13.13
C TYR B 12 -9.36 -37.84 -13.98
N ALA B 13 -10.15 -37.99 -15.04
CA ALA B 13 -10.39 -36.87 -15.92
C ALA B 13 -11.47 -35.93 -15.39
N ALA B 14 -12.46 -36.49 -14.68
CA ALA B 14 -13.52 -35.67 -14.12
C ALA B 14 -13.08 -34.89 -12.90
N LEU B 15 -11.94 -35.22 -12.32
CA LEU B 15 -11.45 -34.58 -11.10
C LEU B 15 -10.60 -33.36 -11.37
N GLU B 16 -10.25 -33.08 -12.60
CA GLU B 16 -9.22 -32.07 -12.84
C GLU B 16 -9.81 -30.67 -12.75
N GLY B 17 -9.29 -29.88 -11.81
CA GLY B 17 -9.83 -28.58 -11.52
C GLY B 17 -10.70 -28.52 -10.29
N MET B 18 -11.07 -29.66 -9.74
CA MET B 18 -11.89 -29.71 -8.53
C MET B 18 -11.06 -29.68 -7.27
N ASN B 19 -9.72 -29.63 -7.39
CA ASN B 19 -8.82 -29.64 -6.26
C ASN B 19 -9.21 -30.72 -5.26
N ARG B 20 -9.31 -31.95 -5.76
CA ARG B 20 -9.64 -33.13 -4.96
C ARG B 20 -10.94 -32.98 -4.20
N GLY B 21 -11.71 -31.95 -4.51
CA GLY B 21 -13.00 -31.73 -3.89
C GLY B 21 -12.93 -31.16 -2.51
N ILE B 22 -11.83 -30.51 -2.17
CA ILE B 22 -11.60 -30.11 -0.80
C ILE B 22 -12.11 -28.70 -0.53
N PHE B 23 -12.37 -27.92 -1.58
CA PHE B 23 -13.01 -26.64 -1.38
C PHE B 23 -14.30 -26.65 -2.17
N GLY B 24 -15.06 -27.71 -2.02
CA GLY B 24 -16.40 -27.76 -2.52
C GLY B 24 -16.47 -27.95 -4.02
N MET B 25 -17.68 -28.16 -4.51
CA MET B 25 -17.85 -28.60 -5.87
C MET B 25 -19.32 -28.53 -6.23
N THR B 26 -19.61 -28.15 -7.48
CA THR B 26 -20.97 -28.15 -7.98
C THR B 26 -21.60 -29.52 -7.87
N SER B 27 -22.87 -29.54 -7.48
CA SER B 27 -23.51 -30.79 -7.08
C SER B 27 -23.62 -31.79 -8.22
N GLU B 28 -23.72 -31.32 -9.46
CA GLU B 28 -23.79 -32.25 -10.57
C GLU B 28 -22.46 -32.96 -10.78
N LYS B 29 -21.35 -32.24 -10.61
CA LYS B 29 -20.06 -32.89 -10.70
C LYS B 29 -19.83 -33.85 -9.54
N ARG B 30 -20.38 -33.55 -8.36
CA ARG B 30 -20.25 -34.48 -7.25
C ARG B 30 -21.07 -35.74 -7.49
N SER B 31 -22.27 -35.59 -8.06
CA SER B 31 -23.04 -36.77 -8.45
C SER B 31 -22.30 -37.59 -9.51
N GLU B 32 -21.71 -36.92 -10.49
CA GLU B 32 -20.91 -37.59 -11.50
C GLU B 32 -19.77 -38.38 -10.88
N ILE B 33 -19.03 -37.75 -9.97
CA ILE B 33 -17.86 -38.37 -9.39
C ILE B 33 -18.26 -39.55 -8.50
N HIS B 34 -19.33 -39.40 -7.73
CA HIS B 34 -19.79 -40.53 -6.95
C HIS B 34 -20.35 -41.64 -7.83
N ALA B 35 -20.90 -41.30 -8.99
CA ALA B 35 -21.32 -42.33 -9.93
C ALA B 35 -20.12 -43.14 -10.40
N LEU B 36 -19.06 -42.45 -10.82
CA LEU B 36 -17.86 -43.16 -11.26
C LEU B 36 -17.25 -43.97 -10.14
N VAL B 37 -17.29 -43.44 -8.91
CA VAL B 37 -16.70 -44.14 -7.77
C VAL B 37 -17.50 -45.38 -7.42
N GLU B 38 -18.82 -45.31 -7.46
CA GLU B 38 -19.60 -46.51 -7.17
C GLU B 38 -19.51 -47.51 -8.33
N LEU B 39 -19.31 -47.03 -9.54
CA LEU B 39 -19.01 -47.93 -10.65
C LEU B 39 -17.72 -48.69 -10.39
N LEU B 40 -16.68 -47.97 -9.94
CA LEU B 40 -15.41 -48.62 -9.64
C LEU B 40 -15.53 -49.59 -8.48
N GLU B 41 -16.13 -49.15 -7.38
CA GLU B 41 -16.19 -49.99 -6.19
C GLU B 41 -17.16 -51.14 -6.35
N SER B 42 -18.04 -51.09 -7.34
CA SER B 42 -18.75 -52.30 -7.73
C SER B 42 -17.85 -53.27 -8.48
N LYS B 43 -16.73 -52.80 -9.02
CA LYS B 43 -15.80 -53.58 -9.81
C LYS B 43 -14.51 -53.86 -9.03
N ASN B 44 -14.63 -54.08 -7.73
CA ASN B 44 -13.48 -54.27 -6.85
C ASN B 44 -12.74 -55.54 -7.21
N PRO B 45 -11.51 -55.47 -7.70
CA PRO B 45 -10.80 -56.70 -8.09
C PRO B 45 -10.21 -57.44 -6.90
N THR B 46 -10.21 -56.84 -5.72
CA THR B 46 -9.56 -57.38 -4.54
C THR B 46 -10.64 -57.59 -3.48
N PRO B 47 -11.42 -58.66 -3.59
CA PRO B 47 -12.36 -58.98 -2.52
C PRO B 47 -11.60 -59.47 -1.30
N GLU B 48 -12.24 -59.36 -0.15
CA GLU B 48 -11.64 -59.75 1.12
C GLU B 48 -10.30 -59.02 1.29
N PRO B 49 -10.30 -57.70 1.36
CA PRO B 49 -9.04 -56.97 1.20
C PRO B 49 -8.20 -56.86 2.46
N THR B 50 -8.79 -57.07 3.63
CA THR B 50 -8.01 -56.90 4.86
C THR B 50 -7.05 -58.05 5.13
N ASP B 51 -7.18 -59.18 4.46
CA ASP B 51 -6.15 -60.22 4.57
C ASP B 51 -5.07 -60.06 3.53
N LYS B 52 -5.21 -59.09 2.64
CA LYS B 52 -4.23 -58.77 1.61
C LYS B 52 -3.67 -57.36 1.82
N LEU B 53 -3.41 -57.01 3.08
CA LEU B 53 -3.00 -55.64 3.39
C LEU B 53 -1.57 -55.37 2.92
N GLN B 54 -0.64 -56.27 3.26
CA GLN B 54 0.77 -56.03 2.99
C GLN B 54 1.07 -55.92 1.49
N ASP B 55 0.27 -56.58 0.65
CA ASP B 55 0.58 -56.57 -0.76
C ASP B 55 -0.35 -55.69 -1.58
N LYS B 56 -1.41 -55.16 -0.98
CA LYS B 56 -2.29 -54.24 -1.70
C LYS B 56 -2.41 -52.89 -1.02
N VAL B 57 -2.74 -52.87 0.27
CA VAL B 57 -2.97 -51.61 0.97
C VAL B 57 -1.67 -51.02 1.50
N ASP B 58 -0.62 -51.83 1.66
CA ASP B 58 0.64 -51.30 2.14
C ASP B 58 1.20 -50.28 1.15
N GLY B 59 1.77 -49.21 1.67
CA GLY B 59 2.42 -48.25 0.83
C GLY B 59 2.00 -46.85 1.18
N CYS B 60 2.47 -45.90 0.38
CA CYS B 60 2.14 -44.49 0.55
C CYS B 60 1.08 -44.08 -0.44
N TRP B 61 0.01 -43.48 0.06
CA TRP B 61 -1.20 -43.19 -0.71
C TRP B 61 -1.47 -41.70 -0.72
N ARG B 62 -1.48 -41.08 -1.90
CA ARG B 62 -1.80 -39.67 -2.02
C ARG B 62 -3.28 -39.49 -2.32
N LEU B 63 -3.90 -38.49 -1.68
CA LEU B 63 -5.33 -38.25 -1.86
C LEU B 63 -5.62 -37.53 -3.17
N VAL B 64 -6.56 -38.09 -3.94
CA VAL B 64 -6.94 -37.51 -5.22
C VAL B 64 -8.39 -37.05 -5.26
N TYR B 65 -9.26 -37.58 -4.42
CA TYR B 65 -10.60 -37.07 -4.23
C TYR B 65 -11.06 -37.47 -2.85
N SER B 66 -11.75 -36.58 -2.15
CA SER B 66 -12.46 -37.00 -0.97
C SER B 66 -13.64 -36.08 -0.77
N THR B 67 -14.61 -36.54 0.02
CA THR B 67 -15.73 -35.71 0.36
C THR B 67 -15.42 -34.70 1.43
N ILE B 68 -14.26 -34.80 2.08
CA ILE B 68 -13.84 -33.81 3.05
C ILE B 68 -13.68 -32.48 2.35
N SER B 69 -14.52 -31.51 2.73
CA SER B 69 -14.46 -30.17 2.19
C SER B 69 -14.20 -29.20 3.31
N ILE B 70 -13.40 -28.18 3.04
CA ILE B 70 -13.12 -27.13 4.02
C ILE B 70 -13.71 -25.84 3.46
N LEU B 71 -14.90 -25.49 3.90
CA LEU B 71 -15.63 -24.37 3.33
C LEU B 71 -16.20 -23.50 4.42
N GLY B 72 -16.45 -22.24 4.08
CA GLY B 72 -17.16 -21.36 4.97
C GLY B 72 -16.32 -20.79 6.09
N LYS B 73 -16.78 -21.03 7.30
CA LYS B 73 -16.17 -20.44 8.47
C LYS B 73 -14.86 -21.13 8.82
N LYS B 74 -14.79 -22.45 8.64
CA LYS B 74 -13.56 -23.18 8.95
C LYS B 74 -12.46 -22.83 7.97
N ARG B 75 -12.79 -22.68 6.70
CA ARG B 75 -11.78 -22.25 5.75
C ARG B 75 -11.20 -20.91 6.14
N THR B 76 -12.03 -20.04 6.71
CA THR B 76 -11.61 -18.70 7.08
C THR B 76 -10.78 -18.73 8.33
N LYS B 77 -11.17 -19.54 9.31
CA LYS B 77 -10.41 -19.64 10.55
C LYS B 77 -9.03 -20.21 10.31
N LEU B 78 -8.90 -21.15 9.40
CA LEU B 78 -7.61 -21.76 9.13
C LEU B 78 -6.74 -20.94 8.19
N GLY B 79 -7.24 -19.84 7.65
CA GLY B 79 -6.47 -19.08 6.71
C GLY B 79 -6.36 -19.72 5.35
N LEU B 80 -7.34 -20.52 4.97
CA LEU B 80 -7.22 -21.39 3.82
C LEU B 80 -7.94 -20.85 2.59
N ARG B 81 -8.29 -19.57 2.56
CA ARG B 81 -8.88 -18.99 1.36
C ARG B 81 -7.94 -18.04 0.65
N ASP B 82 -7.00 -17.43 1.37
CA ASP B 82 -6.11 -16.46 0.77
C ASP B 82 -4.66 -16.57 1.20
N PHE B 83 -4.34 -17.33 2.23
CA PHE B 83 -2.98 -17.37 2.73
C PHE B 83 -2.34 -18.74 2.59
N ILE B 84 -2.94 -19.78 3.16
CA ILE B 84 -2.32 -21.09 3.25
C ILE B 84 -2.95 -21.99 2.21
N SER B 85 -2.11 -22.65 1.44
CA SER B 85 -2.52 -23.53 0.37
C SER B 85 -2.48 -24.95 0.89
N LEU B 86 -3.64 -25.54 1.07
CA LEU B 86 -3.69 -26.90 1.57
C LEU B 86 -3.05 -27.77 0.51
N GLY B 87 -1.88 -28.31 0.81
CA GLY B 87 -1.17 -29.13 -0.13
C GLY B 87 -1.61 -30.56 -0.05
N ASP B 88 -0.71 -31.47 -0.40
CA ASP B 88 -1.09 -32.85 -0.57
C ASP B 88 -1.52 -33.49 0.73
N PHE B 89 -2.17 -34.63 0.61
CA PHE B 89 -2.72 -35.36 1.73
C PHE B 89 -2.27 -36.79 1.54
N PHE B 90 -1.50 -37.32 2.45
CA PHE B 90 -1.02 -38.68 2.28
C PHE B 90 -1.56 -39.56 3.40
N GLN B 91 -1.70 -40.84 3.10
CA GLN B 91 -2.17 -41.80 4.08
C GLN B 91 -1.37 -43.11 4.02
N MET B 92 -0.05 -43.03 4.17
CA MET B 92 0.78 -44.23 4.34
C MET B 92 0.12 -45.23 5.27
N ILE B 93 -0.08 -46.45 4.78
CA ILE B 93 -0.60 -47.55 5.57
C ILE B 93 0.48 -48.61 5.65
N ASP B 94 1.21 -48.66 6.76
CA ASP B 94 2.24 -49.66 7.00
C ASP B 94 1.67 -50.76 7.88
N VAL B 95 1.57 -51.97 7.33
CA VAL B 95 0.81 -53.02 8.00
C VAL B 95 1.62 -53.80 9.01
N LYS B 96 2.95 -53.65 9.03
CA LYS B 96 3.77 -54.36 10.00
C LYS B 96 3.39 -53.97 11.41
N GLU B 97 3.55 -52.69 11.75
CA GLU B 97 3.24 -52.20 13.07
C GLU B 97 1.79 -51.77 13.24
N GLU B 98 0.95 -52.02 12.24
CA GLU B 98 -0.47 -51.68 12.29
C GLU B 98 -0.66 -50.17 12.44
N LYS B 99 -0.03 -49.43 11.52
CA LYS B 99 0.01 -47.99 11.58
C LYS B 99 -0.80 -47.38 10.45
N ALA B 100 -1.15 -46.11 10.63
CA ALA B 100 -1.96 -45.36 9.67
C ALA B 100 -1.61 -43.89 9.85
N VAL B 101 -0.81 -43.35 8.95
CA VAL B 101 -0.32 -41.99 9.05
C VAL B 101 -1.08 -41.12 8.07
N ASN B 102 -1.56 -39.98 8.55
CA ASN B 102 -2.16 -38.93 7.72
C ASN B 102 -1.22 -37.75 7.70
N VAL B 103 -0.65 -37.46 6.56
CA VAL B 103 0.23 -36.31 6.40
C VAL B 103 -0.49 -35.31 5.53
N ILE B 104 -0.86 -34.18 6.10
CA ILE B 104 -1.54 -33.14 5.35
C ILE B 104 -0.55 -32.01 5.20
N LYS B 105 0.00 -31.81 4.02
CA LYS B 105 1.07 -30.83 3.88
C LYS B 105 0.53 -29.47 3.52
N PHE B 106 1.20 -28.44 4.01
CA PHE B 106 0.73 -27.08 3.88
C PHE B 106 1.81 -26.20 3.29
N SER B 107 1.38 -25.04 2.81
CA SER B 107 2.23 -24.14 2.04
C SER B 107 1.80 -22.72 2.36
N ALA B 108 2.60 -21.78 1.91
CA ALA B 108 2.20 -20.39 1.87
C ALA B 108 3.00 -19.72 0.77
N ARG B 109 2.41 -18.66 0.22
CA ARG B 109 3.04 -17.95 -0.88
C ARG B 109 4.40 -17.42 -0.46
N ALA B 110 5.44 -17.87 -1.16
CA ALA B 110 6.78 -17.28 -1.04
C ALA B 110 7.40 -17.52 0.31
N LEU B 111 6.63 -18.05 1.26
CA LEU B 111 7.10 -18.28 2.63
C LEU B 111 7.71 -19.67 2.67
N LYS B 112 9.02 -19.75 2.48
CA LYS B 112 9.67 -21.04 2.61
C LYS B 112 9.53 -21.59 4.01
N ILE B 113 9.37 -20.72 5.01
CA ILE B 113 9.34 -21.18 6.39
C ILE B 113 7.98 -21.70 6.79
N LEU B 114 6.91 -21.34 6.09
CA LEU B 114 5.60 -21.87 6.41
C LEU B 114 5.34 -23.22 5.78
N SER B 115 6.15 -23.65 4.84
CA SER B 115 5.86 -24.93 4.20
C SER B 115 6.07 -26.03 5.22
N GLY B 116 4.97 -26.51 5.79
CA GLY B 116 5.00 -27.51 6.82
C GLY B 116 4.00 -28.58 6.54
N GLN B 117 3.47 -29.21 7.58
CA GLN B 117 2.53 -30.31 7.40
C GLN B 117 1.93 -30.67 8.74
N LEU B 118 0.72 -31.18 8.71
CA LEU B 118 0.08 -31.76 9.88
C LEU B 118 0.21 -33.26 9.79
N THR B 119 0.83 -33.87 10.79
CA THR B 119 1.01 -35.30 10.83
C THR B 119 0.05 -35.90 11.83
N ILE B 120 -0.56 -37.02 11.48
CA ILE B 120 -1.56 -37.67 12.32
C ILE B 120 -1.30 -39.16 12.28
N GLU B 121 -0.72 -39.69 13.33
CA GLU B 121 -0.41 -41.11 13.38
C GLU B 121 -1.53 -41.86 14.08
N ALA B 122 -1.97 -42.95 13.47
CA ALA B 122 -3.07 -43.74 13.97
C ALA B 122 -2.68 -45.20 13.93
N SER B 123 -3.41 -46.01 14.68
CA SER B 123 -3.19 -47.45 14.72
C SER B 123 -4.50 -48.14 14.38
N TYR B 124 -4.45 -49.04 13.41
CA TYR B 124 -5.65 -49.73 12.95
C TYR B 124 -5.62 -51.19 13.36
N LYS B 125 -6.79 -51.81 13.29
CA LYS B 125 -6.96 -53.24 13.48
C LYS B 125 -7.78 -53.77 12.32
N ILE B 126 -8.12 -55.05 12.38
CA ILE B 126 -9.00 -55.65 11.40
C ILE B 126 -10.21 -56.19 12.15
N THR B 127 -11.33 -55.47 12.08
CA THR B 127 -12.56 -55.96 12.66
C THR B 127 -13.30 -56.87 11.69
N THR B 128 -13.65 -56.36 10.52
CA THR B 128 -14.33 -57.10 9.47
C THR B 128 -13.34 -57.36 8.35
N LYS B 129 -13.67 -58.32 7.49
CA LYS B 129 -12.75 -58.69 6.43
C LYS B 129 -12.64 -57.64 5.33
N THR B 130 -13.46 -56.60 5.36
CA THR B 130 -13.36 -55.51 4.41
C THR B 130 -13.28 -54.15 5.09
N LYS B 131 -12.92 -54.12 6.37
CA LYS B 131 -13.19 -52.98 7.22
C LYS B 131 -12.19 -52.98 8.38
N VAL B 132 -11.48 -51.87 8.54
CA VAL B 132 -10.47 -51.73 9.57
C VAL B 132 -10.95 -50.71 10.58
N ASP B 133 -10.44 -50.81 11.80
CA ASP B 133 -10.84 -49.95 12.90
C ASP B 133 -9.65 -49.10 13.31
N ILE B 134 -9.74 -47.79 13.09
CA ILE B 134 -8.60 -46.88 13.20
C ILE B 134 -8.73 -46.08 14.49
N THR B 135 -7.59 -45.82 15.12
CA THR B 135 -7.56 -45.10 16.39
C THR B 135 -6.36 -44.17 16.43
N LEU B 136 -6.56 -42.96 16.90
CA LEU B 136 -5.56 -41.90 16.83
C LEU B 136 -4.58 -41.97 17.99
N ASP B 137 -3.29 -41.82 17.68
CA ASP B 137 -2.23 -41.85 18.68
C ASP B 137 -1.52 -40.50 18.84
N SER B 138 -0.96 -39.98 17.75
CA SER B 138 -0.13 -38.80 17.80
C SER B 138 -0.59 -37.81 16.72
N SER B 139 -0.26 -36.54 16.93
CA SER B 139 -0.67 -35.47 16.04
C SER B 139 0.37 -34.37 16.13
N THR B 140 0.70 -33.75 15.00
CA THR B 140 1.84 -32.85 14.98
C THR B 140 1.68 -31.85 13.85
N ILE B 141 1.88 -30.56 14.14
CA ILE B 141 2.04 -29.56 13.11
C ILE B 141 3.49 -29.12 13.16
N THR B 142 4.19 -29.23 12.05
CA THR B 142 5.54 -28.74 11.97
C THR B 142 5.69 -27.90 10.72
N PRO B 143 6.60 -26.92 10.71
CA PRO B 143 7.45 -26.48 11.81
C PRO B 143 6.69 -25.66 12.83
N ASP B 144 7.41 -25.06 13.79
CA ASP B 144 6.73 -24.32 14.83
C ASP B 144 6.04 -23.07 14.31
N GLN B 145 6.40 -22.60 13.13
CA GLN B 145 5.73 -21.44 12.57
C GLN B 145 4.34 -21.80 12.05
N LEU B 146 4.21 -22.92 11.34
CA LEU B 146 2.88 -23.37 10.96
C LEU B 146 2.04 -23.69 12.19
N MET B 147 2.64 -24.32 13.19
CA MET B 147 1.89 -24.58 14.41
C MET B 147 1.45 -23.28 15.06
N ASN B 148 2.29 -22.26 15.01
CA ASN B 148 1.91 -20.94 15.49
C ASN B 148 0.68 -20.44 14.75
N ILE B 149 0.61 -20.70 13.45
CA ILE B 149 -0.51 -20.21 12.67
C ILE B 149 -1.78 -20.98 13.00
N PHE B 150 -1.67 -22.28 13.20
CA PHE B 150 -2.85 -23.12 13.35
C PHE B 150 -3.24 -23.43 14.78
N GLN B 151 -2.42 -23.04 15.77
CA GLN B 151 -2.52 -23.65 17.09
C GLN B 151 -3.87 -23.36 17.75
N LYS B 152 -4.38 -22.14 17.59
CA LYS B 152 -5.64 -21.82 18.24
C LYS B 152 -6.81 -22.59 17.62
N ASN B 153 -6.60 -23.19 16.45
CA ASN B 153 -7.58 -23.96 15.71
C ASN B 153 -7.09 -25.36 15.43
N TYR B 154 -6.26 -25.89 16.31
CA TYR B 154 -5.63 -27.18 16.10
C TYR B 154 -6.66 -28.30 16.12
N ASP B 155 -7.61 -28.24 17.04
CA ASP B 155 -8.56 -29.34 17.18
C ASP B 155 -9.53 -29.38 16.01
N MET B 156 -9.94 -28.21 15.52
CA MET B 156 -10.76 -28.16 14.32
C MET B 156 -10.03 -28.78 13.13
N LEU B 157 -8.75 -28.44 12.97
CA LEU B 157 -7.97 -28.98 11.85
C LEU B 157 -7.85 -30.49 11.94
N LEU B 158 -7.38 -30.98 13.08
CA LEU B 158 -7.27 -32.42 13.27
C LEU B 158 -8.60 -33.10 13.00
N ALA B 159 -9.67 -32.58 13.57
CA ALA B 159 -10.99 -33.19 13.38
C ALA B 159 -11.40 -33.20 11.93
N ILE B 160 -10.99 -32.21 11.14
CA ILE B 160 -11.22 -32.30 9.71
C ILE B 160 -10.54 -33.54 9.16
N PHE B 161 -9.29 -33.76 9.56
CA PHE B 161 -8.48 -34.77 8.90
C PHE B 161 -8.25 -36.03 9.72
N ASN B 162 -8.94 -36.19 10.83
CA ASN B 162 -8.70 -37.29 11.77
C ASN B 162 -9.15 -38.63 11.20
N PRO B 163 -8.25 -39.60 11.02
CA PRO B 163 -8.65 -40.87 10.43
C PRO B 163 -9.35 -41.81 11.40
N GLU B 164 -9.51 -41.41 12.65
CA GLU B 164 -10.12 -42.26 13.65
C GLU B 164 -11.50 -42.68 13.20
N GLY B 165 -12.01 -43.75 13.81
CA GLY B 165 -13.26 -44.36 13.41
C GLY B 165 -13.02 -45.75 12.86
N TRP B 166 -13.66 -46.02 11.74
CA TRP B 166 -13.30 -47.18 10.93
C TRP B 166 -13.25 -46.78 9.48
N LEU B 167 -12.47 -47.53 8.72
CA LEU B 167 -12.31 -47.30 7.29
C LEU B 167 -12.68 -48.59 6.57
N GLU B 168 -13.80 -48.59 5.88
CA GLU B 168 -14.22 -49.75 5.10
C GLU B 168 -13.60 -49.63 3.72
N ILE B 169 -12.77 -50.58 3.37
CA ILE B 169 -11.95 -50.51 2.16
C ILE B 169 -12.71 -51.15 1.02
N THR B 170 -12.88 -50.40 -0.06
CA THR B 170 -13.50 -50.88 -1.29
C THR B 170 -12.62 -50.50 -2.45
N TYR B 171 -12.71 -51.25 -3.53
CA TYR B 171 -11.89 -51.03 -4.72
C TYR B 171 -10.45 -50.72 -4.35
N VAL B 172 -9.75 -51.69 -3.78
CA VAL B 172 -8.32 -51.58 -3.64
C VAL B 172 -7.64 -52.22 -4.84
N ASP B 173 -7.13 -51.36 -5.73
CA ASP B 173 -6.32 -51.72 -6.88
C ASP B 173 -4.86 -51.57 -6.49
N GLU B 174 -3.96 -51.84 -7.45
CA GLU B 174 -2.55 -51.72 -7.12
C GLU B 174 -2.08 -50.27 -7.12
N SER B 175 -2.81 -49.37 -7.79
CA SER B 175 -2.41 -47.98 -7.80
C SER B 175 -3.56 -47.05 -7.45
N LEU B 176 -4.60 -47.57 -6.81
CA LEU B 176 -5.75 -46.75 -6.43
C LEU B 176 -6.64 -47.54 -5.50
N ARG B 177 -6.99 -46.97 -4.36
CA ARG B 177 -7.95 -47.60 -3.49
C ARG B 177 -9.00 -46.57 -3.11
N ILE B 178 -10.15 -47.05 -2.68
CA ILE B 178 -11.30 -46.22 -2.36
C ILE B 178 -11.75 -46.56 -0.94
N GLY B 179 -11.93 -45.55 -0.12
CA GLY B 179 -12.31 -45.82 1.24
C GLY B 179 -13.66 -45.23 1.57
N ARG B 180 -14.27 -45.68 2.64
CA ARG B 180 -15.57 -45.15 3.07
C ARG B 180 -15.59 -45.21 4.58
N ASP B 181 -15.25 -44.12 5.24
CA ASP B 181 -15.06 -44.19 6.68
C ASP B 181 -16.43 -44.16 7.36
N ASP B 182 -16.43 -44.09 8.68
CA ASP B 182 -17.69 -44.17 9.42
C ASP B 182 -18.55 -42.93 9.24
N LYS B 183 -17.97 -41.82 8.83
CA LYS B 183 -18.69 -40.57 8.67
C LYS B 183 -19.25 -40.40 7.27
N ALA B 184 -19.40 -41.51 6.54
CA ALA B 184 -19.95 -41.52 5.19
C ALA B 184 -19.07 -40.76 4.21
N ASN B 185 -17.78 -40.64 4.49
CA ASN B 185 -16.87 -39.95 3.61
C ASN B 185 -16.25 -40.91 2.63
N ILE B 186 -16.05 -40.44 1.40
CA ILE B 186 -15.36 -41.19 0.37
C ILE B 186 -13.92 -40.70 0.32
N PHE B 187 -12.99 -41.64 0.29
CA PHE B 187 -11.57 -41.31 0.18
C PHE B 187 -11.02 -42.08 -1.01
N VAL B 188 -10.68 -41.35 -2.06
CA VAL B 188 -10.07 -41.95 -3.23
C VAL B 188 -8.58 -41.61 -3.17
N LEU B 189 -7.75 -42.61 -2.95
CA LEU B 189 -6.33 -42.41 -2.82
C LEU B 189 -5.61 -43.12 -3.94
N GLU B 190 -4.44 -42.63 -4.28
CA GLU B 190 -3.60 -43.23 -5.31
C GLU B 190 -2.21 -43.50 -4.72
N ARG B 191 -1.40 -44.26 -5.45
CA ARG B 191 -0.06 -44.58 -5.00
C ARG B 191 0.88 -43.42 -5.22
N ALA B 192 1.73 -43.18 -4.23
CA ALA B 192 2.73 -42.12 -4.27
C ALA B 192 3.99 -42.67 -3.64
N ASP B 193 5.13 -42.49 -4.32
CA ASP B 193 6.37 -42.98 -3.75
C ASP B 193 6.66 -42.27 -2.44
N PRO B 194 7.05 -43.00 -1.40
CA PRO B 194 7.12 -42.38 -0.06
C PRO B 194 8.09 -41.24 0.06
N SER B 195 8.85 -40.93 -1.00
CA SER B 195 9.66 -39.72 -0.97
C SER B 195 8.84 -38.47 -1.21
N GLU B 196 7.68 -38.60 -1.85
CA GLU B 196 6.83 -37.45 -2.07
C GLU B 196 6.29 -36.89 -0.76
N VAL B 197 6.08 -37.74 0.24
CA VAL B 197 5.65 -37.32 1.55
C VAL B 197 6.60 -36.31 2.18
N MET C 1 30.69 -2.30 21.61
CA MET C 1 31.36 -2.70 20.38
C MET C 1 30.53 -3.68 19.56
N SER C 2 29.90 -4.63 20.23
CA SER C 2 28.97 -5.52 19.54
C SER C 2 27.54 -5.06 19.78
N VAL C 3 26.60 -5.74 19.14
CA VAL C 3 25.20 -5.34 19.27
C VAL C 3 24.60 -5.93 20.55
N SER C 4 24.79 -7.22 20.76
CA SER C 4 24.25 -7.84 21.96
C SER C 4 24.83 -7.22 23.21
N SER C 5 26.14 -6.94 23.21
CA SER C 5 26.74 -6.36 24.42
C SER C 5 26.01 -5.09 24.80
N LEU C 6 25.64 -4.30 23.80
CA LEU C 6 24.88 -3.10 24.08
C LEU C 6 23.50 -3.44 24.60
N LEU C 7 22.78 -4.33 23.92
CA LEU C 7 21.37 -4.47 24.20
C LEU C 7 21.06 -5.35 25.39
N GLU C 8 22.04 -6.06 25.95
CA GLU C 8 21.75 -6.94 27.07
C GLU C 8 21.29 -6.16 28.30
N VAL C 9 21.70 -4.91 28.43
CA VAL C 9 21.33 -4.12 29.60
C VAL C 9 19.82 -3.97 29.70
N VAL C 10 19.12 -4.03 28.57
CA VAL C 10 17.67 -3.92 28.60
C VAL C 10 17.06 -5.09 27.84
N ALA C 11 17.81 -6.19 27.69
CA ALA C 11 17.32 -7.38 27.02
C ALA C 11 15.96 -7.83 27.52
N ASP C 12 15.69 -7.64 28.80
CA ASP C 12 14.44 -8.13 29.38
C ASP C 12 13.27 -7.26 28.95
N ASP C 13 13.42 -5.94 29.08
CA ASP C 13 12.48 -4.97 28.52
C ASP C 13 12.20 -5.27 27.07
N LEU C 14 13.26 -5.54 26.31
CA LEU C 14 13.14 -5.72 24.89
C LEU C 14 12.37 -6.98 24.56
N LEU C 15 12.57 -8.03 25.35
CA LEU C 15 11.83 -9.28 25.16
C LEU C 15 10.36 -9.12 25.49
N LYS C 16 10.04 -8.47 26.61
CA LYS C 16 8.64 -8.22 26.88
C LYS C 16 7.99 -7.45 25.75
N LEU C 17 8.68 -6.44 25.22
CA LEU C 17 8.13 -5.64 24.15
C LEU C 17 7.89 -6.46 22.89
N ASN C 18 8.88 -7.23 22.48
CA ASN C 18 8.75 -8.08 21.30
C ASN C 18 7.57 -9.02 21.43
N ASN C 19 7.39 -9.60 22.61
CA ASN C 19 6.25 -10.46 22.84
C ASN C 19 4.94 -9.71 22.70
N ASN C 20 4.83 -8.54 23.34
CA ASN C 20 3.59 -7.77 23.24
C ASN C 20 3.30 -7.40 21.80
N LEU C 21 4.30 -7.04 21.04
CA LEU C 21 4.07 -6.56 19.69
C LEU C 21 3.72 -7.70 18.74
N LYS C 22 4.35 -8.86 18.92
CA LYS C 22 3.93 -10.05 18.20
C LYS C 22 2.51 -10.44 18.56
N SER C 23 2.14 -10.34 19.83
CA SER C 23 0.79 -10.67 20.21
C SER C 23 -0.21 -9.72 19.59
N LEU C 24 0.06 -8.43 19.71
CA LEU C 24 -0.85 -7.40 19.25
C LEU C 24 -0.99 -7.40 17.74
N VAL C 25 0.11 -7.19 17.02
CA VAL C 25 0.07 -7.26 15.58
C VAL C 25 -0.02 -8.72 15.18
N GLY C 26 -0.88 -9.02 14.24
CA GLY C 26 -1.10 -10.43 14.11
C GLY C 26 -2.03 -10.80 15.22
N ALA C 27 -3.26 -10.32 15.10
CA ALA C 27 -4.25 -10.38 16.13
C ALA C 27 -5.19 -11.54 15.82
N GLU C 28 -4.65 -12.75 15.95
CA GLU C 28 -5.36 -13.99 15.67
C GLU C 28 -5.89 -14.04 14.24
N ASN C 29 -5.23 -13.31 13.36
CA ASN C 29 -5.43 -13.39 11.94
C ASN C 29 -4.32 -14.27 11.39
N PRO C 30 -4.59 -15.35 10.67
CA PRO C 30 -3.47 -16.23 10.27
C PRO C 30 -2.33 -15.53 9.55
N VAL C 31 -2.63 -14.80 8.47
CA VAL C 31 -1.59 -14.15 7.70
C VAL C 31 -0.89 -13.09 8.54
N LEU C 32 -1.62 -12.41 9.41
CA LEU C 32 -1.00 -11.41 10.25
C LEU C 32 -0.20 -12.03 11.36
N VAL C 33 -0.59 -13.19 11.86
CA VAL C 33 0.20 -13.92 12.84
C VAL C 33 1.55 -14.29 12.26
N SER C 34 1.55 -14.81 11.04
CA SER C 34 2.82 -15.11 10.41
C SER C 34 3.64 -13.85 10.16
N ALA C 35 2.99 -12.80 9.65
CA ALA C 35 3.71 -11.56 9.37
C ALA C 35 4.25 -10.93 10.63
N ALA C 36 3.57 -11.09 11.76
CA ALA C 36 4.10 -10.53 13.00
C ALA C 36 5.29 -11.31 13.50
N GLU C 37 5.24 -12.64 13.45
CA GLU C 37 6.44 -13.40 13.77
C GLU C 37 7.59 -13.01 12.85
N GLN C 38 7.29 -12.78 11.59
CA GLN C 38 8.32 -12.40 10.63
C GLN C 38 8.88 -11.01 10.91
N ILE C 39 8.02 -10.10 11.33
CA ILE C 39 8.40 -8.71 11.51
C ILE C 39 9.20 -8.53 12.78
N PHE C 40 8.77 -9.14 13.87
CA PHE C 40 9.40 -8.95 15.16
C PHE C 40 10.30 -10.15 15.44
N GLY C 41 11.42 -10.18 14.75
CA GLY C 41 12.36 -11.27 14.83
C GLY C 41 12.72 -11.54 16.27
N ALA C 42 12.30 -12.71 16.76
CA ALA C 42 12.22 -13.00 18.19
C ALA C 42 13.42 -12.47 18.96
N GLY C 43 13.13 -11.91 20.13
CA GLY C 43 14.13 -11.34 21.00
C GLY C 43 13.88 -9.88 21.28
N GLY C 44 13.48 -9.14 20.26
CA GLY C 44 13.19 -7.73 20.40
C GLY C 44 14.39 -6.82 20.51
N LYS C 45 15.58 -7.29 20.12
CA LYS C 45 16.83 -6.56 20.30
C LYS C 45 17.08 -5.66 19.11
N ARG C 46 16.36 -4.56 19.08
CA ARG C 46 16.53 -3.56 18.04
C ARG C 46 16.81 -2.23 18.68
N LEU C 47 17.55 -1.40 17.95
CA LEU C 47 18.18 -0.22 18.52
C LEU C 47 17.16 0.77 19.04
N ARG C 48 16.12 1.03 18.30
CA ARG C 48 15.24 2.14 18.66
C ARG C 48 14.46 1.90 19.94
N PRO C 49 13.78 0.76 20.13
CA PRO C 49 13.15 0.51 21.41
C PRO C 49 14.15 0.37 22.54
N ALA C 50 15.37 -0.07 22.25
CA ALA C 50 16.41 -0.13 23.26
C ALA C 50 16.87 1.25 23.69
N LEU C 51 16.96 2.19 22.78
CA LEU C 51 17.23 3.58 23.20
C LEU C 51 16.12 4.08 24.05
N VAL C 52 14.87 3.83 23.64
CA VAL C 52 13.77 4.20 24.51
C VAL C 52 13.99 3.64 25.89
N PHE C 53 14.40 2.37 25.97
CA PHE C 53 14.49 1.72 27.27
C PHE C 53 15.67 2.21 28.08
N LEU C 54 16.78 2.55 27.43
CA LEU C 54 17.94 3.04 28.14
C LEU C 54 17.78 4.47 28.64
N VAL C 55 17.27 5.35 27.81
CA VAL C 55 17.00 6.68 28.33
C VAL C 55 15.92 6.60 29.38
N SER C 56 14.93 5.74 29.18
CA SER C 56 13.91 5.51 30.17
C SER C 56 14.52 5.15 31.51
N ARG C 57 15.47 4.20 31.52
CA ARG C 57 16.01 3.71 32.79
C ARG C 57 17.03 4.67 33.36
N ALA C 58 17.90 5.26 32.55
CA ALA C 58 18.85 6.24 33.04
C ALA C 58 18.15 7.42 33.68
N THR C 59 17.23 8.04 32.96
CA THR C 59 16.52 9.19 33.47
C THR C 59 15.58 8.83 34.61
N ALA C 60 15.05 7.60 34.61
CA ALA C 60 14.20 7.18 35.70
C ALA C 60 15.00 7.04 36.98
N GLU C 61 16.15 6.36 36.91
CA GLU C 61 17.03 6.31 38.07
C GLU C 61 17.41 7.71 38.55
N LEU C 62 17.79 8.58 37.63
CA LEU C 62 18.08 9.96 38.03
C LEU C 62 16.89 10.61 38.71
N ALA C 63 15.68 10.21 38.38
CA ALA C 63 14.50 10.87 38.90
C ALA C 63 13.98 10.27 40.19
N GLY C 64 14.44 9.09 40.58
CA GLY C 64 13.92 8.43 41.74
C GLY C 64 12.88 7.37 41.48
N LEU C 65 12.59 7.05 40.22
CA LEU C 65 11.65 5.98 39.93
C LEU C 65 12.31 4.64 40.19
N LEU C 66 11.59 3.76 40.86
CA LEU C 66 12.09 2.42 41.10
C LEU C 66 11.80 1.48 39.95
N GLU C 67 10.75 1.74 39.19
CA GLU C 67 10.49 0.97 37.98
C GLU C 67 10.17 1.93 36.84
N LEU C 68 10.25 1.39 35.63
CA LEU C 68 9.71 2.04 34.46
C LEU C 68 8.20 1.99 34.47
N THR C 69 7.58 3.09 34.10
CA THR C 69 6.14 3.17 34.18
C THR C 69 5.50 2.44 33.00
N THR C 70 4.17 2.48 32.98
CA THR C 70 3.41 1.97 31.86
C THR C 70 3.56 2.85 30.64
N GLU C 71 3.86 4.13 30.88
CA GLU C 71 4.06 5.07 29.79
C GLU C 71 5.35 4.79 29.05
N HIS C 72 6.39 4.47 29.79
CA HIS C 72 7.67 4.14 29.20
C HIS C 72 7.56 2.94 28.30
N GLN C 73 6.78 1.95 28.68
CA GLN C 73 6.67 0.75 27.88
C GLN C 73 5.71 0.90 26.73
N ARG C 74 4.62 1.60 26.93
CA ARG C 74 3.78 1.93 25.80
C ARG C 74 4.53 2.78 24.81
N LEU C 75 5.48 3.59 25.29
CA LEU C 75 6.27 4.42 24.40
C LEU C 75 7.27 3.61 23.63
N ALA C 76 7.95 2.67 24.26
CA ALA C 76 8.84 1.85 23.46
C ALA C 76 8.08 1.09 22.37
N GLU C 77 6.87 0.65 22.67
CA GLU C 77 6.08 -0.04 21.66
C GLU C 77 5.55 0.90 20.59
N ILE C 78 5.17 2.12 20.95
CA ILE C 78 4.80 3.12 19.97
C ILE C 78 5.94 3.35 19.01
N ILE C 79 7.13 3.55 19.55
CA ILE C 79 8.29 3.87 18.74
C ILE C 79 8.59 2.74 17.80
N GLU C 80 8.54 1.52 18.31
CA GLU C 80 8.87 0.35 17.51
C GLU C 80 7.83 0.04 16.44
N MET C 81 6.55 0.19 16.74
CA MET C 81 5.52 -0.02 15.74
C MET C 81 5.52 1.06 14.69
N ILE C 82 5.86 2.30 15.06
CA ILE C 82 5.98 3.38 14.09
C ILE C 82 7.14 3.11 13.16
N HIS C 83 8.30 2.79 13.71
CA HIS C 83 9.46 2.52 12.88
C HIS C 83 9.19 1.37 11.92
N THR C 84 8.61 0.29 12.42
CA THR C 84 8.37 -0.88 11.60
C THR C 84 7.31 -0.62 10.54
N ALA C 85 6.23 0.02 10.92
CA ALA C 85 5.18 0.34 9.98
C ALA C 85 5.68 1.23 8.87
N SER C 86 6.55 2.19 9.20
CA SER C 86 7.10 3.07 8.19
C SER C 86 8.02 2.32 7.26
N LEU C 87 8.78 1.35 7.75
CA LEU C 87 9.66 0.63 6.83
C LEU C 87 8.87 -0.27 5.91
N ILE C 88 7.82 -0.91 6.40
CA ILE C 88 6.94 -1.70 5.55
C ILE C 88 6.31 -0.82 4.47
N HIS C 89 5.81 0.34 4.86
CA HIS C 89 5.17 1.20 3.90
C HIS C 89 6.16 1.76 2.91
N ASP C 90 7.36 2.03 3.36
CA ASP C 90 8.41 2.50 2.47
C ASP C 90 8.86 1.43 1.51
N ASP C 91 8.73 0.16 1.85
CA ASP C 91 9.09 -0.85 0.87
C ASP C 91 8.00 -1.05 -0.16
N VAL C 92 6.74 -0.92 0.22
CA VAL C 92 5.68 -0.92 -0.77
C VAL C 92 5.83 0.28 -1.69
N ILE C 93 5.78 1.49 -1.13
CA ILE C 93 6.17 2.66 -1.88
C ILE C 93 7.58 2.42 -2.34
N ASP C 94 7.93 2.89 -3.50
CA ASP C 94 9.24 2.57 -4.05
C ASP C 94 9.62 1.10 -3.87
N ASP C 95 8.99 0.24 -4.66
CA ASP C 95 9.04 -1.22 -4.59
C ASP C 95 10.43 -1.73 -4.27
N SER C 96 10.57 -2.42 -3.17
CA SER C 96 11.84 -2.91 -2.67
C SER C 96 11.65 -4.34 -2.25
N GLY C 97 12.53 -5.21 -2.74
CA GLY C 97 12.39 -6.61 -2.46
C GLY C 97 13.05 -6.97 -1.17
N MET C 98 14.11 -6.25 -0.83
CA MET C 98 14.92 -6.57 0.34
C MET C 98 15.12 -5.33 1.18
N ARG C 99 15.45 -5.55 2.43
CA ARG C 99 15.85 -4.46 3.32
C ARG C 99 16.95 -5.02 4.22
N ARG C 100 18.20 -4.71 3.91
CA ARG C 100 19.34 -5.20 4.66
C ARG C 100 19.41 -6.72 4.63
N GLY C 101 19.32 -7.28 3.44
CA GLY C 101 19.45 -8.72 3.28
C GLY C 101 18.16 -9.46 3.48
N LYS C 102 17.56 -9.31 4.66
CA LYS C 102 16.24 -9.87 4.92
C LYS C 102 15.28 -9.42 3.83
N GLU C 103 14.29 -10.25 3.55
CA GLU C 103 13.28 -9.90 2.57
C GLU C 103 12.12 -9.16 3.24
N THR C 104 11.47 -8.31 2.47
CA THR C 104 10.48 -7.40 3.01
C THR C 104 9.13 -8.10 3.18
N ILE C 105 8.24 -7.46 3.92
CA ILE C 105 6.90 -7.99 4.10
C ILE C 105 6.13 -7.91 2.80
N HIS C 106 6.32 -6.83 2.08
CA HIS C 106 5.74 -6.65 0.78
C HIS C 106 6.09 -7.79 -0.15
N GLN C 107 7.32 -8.28 -0.10
CA GLN C 107 7.71 -9.37 -0.98
C GLN C 107 7.13 -10.71 -0.54
N LEU C 108 7.29 -11.04 0.73
CA LEU C 108 6.81 -12.32 1.25
C LEU C 108 5.30 -12.44 1.14
N TYR C 109 4.58 -11.48 1.66
CA TYR C 109 3.13 -11.61 1.77
C TYR C 109 2.37 -10.84 0.72
N GLY C 110 3.01 -9.96 0.00
CA GLY C 110 2.32 -9.17 -0.99
C GLY C 110 1.99 -7.79 -0.47
N THR C 111 1.71 -6.91 -1.42
CA THR C 111 1.45 -5.52 -1.12
C THR C 111 0.22 -5.36 -0.27
N ARG C 112 -0.80 -6.13 -0.53
CA ARG C 112 -2.05 -6.00 0.21
C ARG C 112 -1.83 -6.29 1.67
N VAL C 113 -1.08 -7.33 1.99
CA VAL C 113 -0.83 -7.67 3.37
C VAL C 113 0.14 -6.70 4.00
N ALA C 114 1.13 -6.23 3.25
CA ALA C 114 2.07 -5.27 3.79
C ALA C 114 1.40 -3.97 4.10
N VAL C 115 0.52 -3.50 3.23
CA VAL C 115 -0.19 -2.26 3.50
C VAL C 115 -1.13 -2.45 4.68
N LEU C 116 -1.79 -3.60 4.77
CA LEU C 116 -2.64 -3.86 5.90
C LEU C 116 -1.86 -3.92 7.20
N ALA C 117 -0.69 -4.56 7.19
CA ALA C 117 0.12 -4.71 8.39
C ALA C 117 0.68 -3.38 8.86
N GLY C 118 1.20 -2.59 7.93
CA GLY C 118 1.67 -1.27 8.29
C GLY C 118 0.57 -0.36 8.77
N ASP C 119 -0.59 -0.42 8.13
CA ASP C 119 -1.73 0.36 8.57
C ASP C 119 -2.16 -0.03 9.96
N PHE C 120 -2.20 -1.32 10.23
CA PHE C 120 -2.57 -1.83 11.52
C PHE C 120 -1.62 -1.35 12.61
N MET C 121 -0.32 -1.39 12.34
CA MET C 121 0.64 -0.92 13.34
C MET C 121 0.55 0.58 13.54
N PHE C 122 0.31 1.32 12.48
CA PHE C 122 0.12 2.76 12.62
C PHE C 122 -1.13 3.09 13.43
N ALA C 123 -2.22 2.36 13.20
CA ALA C 123 -3.44 2.52 13.99
C ALA C 123 -3.19 2.21 15.45
N GLN C 124 -2.50 1.12 15.72
CA GLN C 124 -2.22 0.76 17.10
C GLN C 124 -1.37 1.79 17.79
N SER C 125 -0.38 2.33 17.09
CA SER C 125 0.45 3.39 17.64
C SER C 125 -0.33 4.65 17.89
N SER C 126 -1.18 5.06 16.95
CA SER C 126 -2.02 6.23 17.14
C SER C 126 -2.80 6.14 18.44
N TRP C 127 -3.36 4.97 18.68
CA TRP C 127 -4.21 4.76 19.83
C TRP C 127 -3.40 4.70 21.13
N PHE C 128 -2.30 3.95 21.13
CA PHE C 128 -1.42 3.93 22.29
C PHE C 128 -0.98 5.32 22.68
N LEU C 129 -0.64 6.11 21.68
CA LEU C 129 -0.15 7.45 21.87
C LEU C 129 -1.21 8.36 22.42
N ALA C 130 -2.40 8.33 21.82
CA ALA C 130 -3.52 9.08 22.38
C ALA C 130 -3.73 8.74 23.86
N ASN C 131 -3.55 7.49 24.21
CA ASN C 131 -3.86 7.07 25.55
C ASN C 131 -2.70 7.21 26.52
N LEU C 132 -1.51 7.59 26.04
CA LEU C 132 -0.51 8.15 26.93
C LEU C 132 -1.02 9.39 27.64
N GLU C 133 -1.87 10.15 26.99
CA GLU C 133 -2.53 11.34 27.52
C GLU C 133 -1.56 12.44 27.85
N ASN C 134 -0.36 12.39 27.29
CA ASN C 134 0.64 13.43 27.41
C ASN C 134 0.64 14.21 26.11
N ILE C 135 0.16 15.45 26.15
CA ILE C 135 -0.02 16.21 24.93
C ILE C 135 1.31 16.55 24.29
N GLU C 136 2.34 16.74 25.10
CA GLU C 136 3.65 17.03 24.57
C GLU C 136 4.27 15.82 23.88
N VAL C 137 4.07 14.64 24.43
CA VAL C 137 4.55 13.44 23.78
C VAL C 137 3.72 13.12 22.54
N ILE C 138 2.42 13.33 22.60
CA ILE C 138 1.59 13.13 21.43
C ILE C 138 2.02 14.06 20.32
N LYS C 139 2.41 15.28 20.67
CA LYS C 139 2.88 16.25 19.68
C LYS C 139 4.23 15.89 19.10
N LEU C 140 5.17 15.45 19.94
CA LEU C 140 6.44 15.00 19.43
C LEU C 140 6.26 13.88 18.46
N ILE C 141 5.40 12.93 18.77
CA ILE C 141 5.30 11.76 17.90
C ILE C 141 4.51 12.08 16.63
N SER C 142 3.53 12.95 16.72
CA SER C 142 2.82 13.40 15.53
C SER C 142 3.71 14.19 14.63
N GLN C 143 4.67 14.90 15.20
CA GLN C 143 5.71 15.53 14.41
C GLN C 143 6.60 14.50 13.75
N VAL C 144 6.89 13.40 14.39
CA VAL C 144 7.65 12.36 13.71
C VAL C 144 6.89 11.84 12.49
N ILE C 145 5.60 11.63 12.64
CA ILE C 145 4.82 11.09 11.52
C ILE C 145 4.69 12.11 10.41
N LYS C 146 4.46 13.37 10.78
CA LYS C 146 4.40 14.41 9.80
C LYS C 146 5.72 14.59 9.08
N ASP C 147 6.83 14.42 9.79
CA ASP C 147 8.13 14.48 9.18
C ASP C 147 8.40 13.32 8.28
N PHE C 148 7.81 12.15 8.50
CA PHE C 148 7.89 11.11 7.48
C PHE C 148 7.26 11.59 6.18
N ALA C 149 6.12 12.24 6.28
CA ALA C 149 5.48 12.80 5.08
C ALA C 149 6.34 13.89 4.43
N SER C 150 6.84 14.84 5.22
CA SER C 150 7.76 15.85 4.73
C SER C 150 8.99 15.23 4.09
N GLY C 151 9.46 14.12 4.63
CA GLY C 151 10.65 13.54 4.09
C GLY C 151 10.40 12.86 2.77
N GLU C 152 9.24 12.26 2.60
CA GLU C 152 8.90 11.70 1.30
C GLU C 152 8.81 12.79 0.25
N ILE C 153 8.08 13.85 0.57
CA ILE C 153 7.97 14.98 -0.34
C ILE C 153 9.35 15.51 -0.72
N LYS C 154 10.20 15.77 0.26
CA LYS C 154 11.47 16.40 0.00
C LYS C 154 12.45 15.48 -0.68
N GLN C 155 12.35 14.20 -0.42
CA GLN C 155 13.18 13.24 -1.11
C GLN C 155 12.83 13.18 -2.58
N ALA C 156 11.55 13.16 -2.90
CA ALA C 156 11.18 13.16 -4.31
C ALA C 156 11.54 14.48 -4.96
N SER C 157 11.50 15.55 -4.20
CA SER C 157 11.77 16.86 -4.75
C SER C 157 13.24 17.09 -5.04
N THR C 158 14.14 16.43 -4.33
CA THR C 158 15.55 16.73 -4.49
C THR C 158 16.30 15.67 -5.28
N LEU C 159 15.61 14.79 -5.99
CA LEU C 159 16.30 13.77 -6.73
C LEU C 159 17.16 14.42 -7.81
N PHE C 160 18.43 14.03 -7.86
CA PHE C 160 19.38 14.46 -8.88
C PHE C 160 19.63 15.96 -8.84
N ASP C 161 19.40 16.58 -7.71
CA ASP C 161 19.53 18.01 -7.55
C ASP C 161 20.91 18.28 -6.96
N CYS C 162 21.88 18.56 -7.82
CA CYS C 162 23.27 18.71 -7.41
C CYS C 162 23.52 19.96 -6.59
N ASP C 163 22.53 20.83 -6.43
CA ASP C 163 22.68 22.03 -5.64
C ASP C 163 22.16 21.86 -4.23
N ILE C 164 21.81 20.64 -3.84
CA ILE C 164 21.41 20.37 -2.47
C ILE C 164 22.57 20.65 -1.54
N THR C 165 22.27 21.27 -0.41
CA THR C 165 23.31 21.59 0.54
C THR C 165 23.45 20.47 1.56
N LEU C 166 24.36 20.67 2.50
CA LEU C 166 24.50 19.77 3.63
C LEU C 166 23.47 20.03 4.71
N ASP C 167 22.95 21.25 4.86
CA ASP C 167 21.84 21.46 5.76
C ASP C 167 20.55 20.86 5.20
N ASP C 168 20.36 20.95 3.90
CA ASP C 168 19.25 20.25 3.24
C ASP C 168 19.38 18.76 3.42
N TYR C 169 20.56 18.22 3.22
CA TYR C 169 20.74 16.79 3.36
C TYR C 169 20.54 16.37 4.79
N LEU C 170 21.05 17.13 5.73
CA LEU C 170 20.90 16.75 7.11
C LEU C 170 19.47 16.85 7.54
N LEU C 171 18.68 17.68 6.90
CA LEU C 171 17.26 17.71 7.20
C LEU C 171 16.55 16.51 6.60
N LYS C 172 16.96 16.05 5.44
CA LYS C 172 16.40 14.81 4.91
C LYS C 172 16.78 13.61 5.78
N SER C 173 18.00 13.61 6.33
CA SER C 173 18.44 12.58 7.27
C SER C 173 17.69 12.66 8.57
N TYR C 174 17.40 13.85 9.04
CA TYR C 174 16.52 14.01 10.18
C TYR C 174 15.17 13.41 9.92
N TYR C 175 14.49 13.87 8.86
CA TYR C 175 13.15 13.41 8.52
C TYR C 175 13.08 11.92 8.44
N LYS C 176 14.13 11.31 7.95
CA LYS C 176 14.15 9.90 7.71
C LYS C 176 14.43 9.10 8.97
N THR C 177 15.39 9.53 9.76
CA THR C 177 15.92 8.70 10.81
C THR C 177 15.93 9.39 12.15
N ALA C 178 16.38 10.64 12.18
CA ALA C 178 16.82 11.21 13.44
C ALA C 178 15.64 11.69 14.24
N SER C 179 14.56 12.02 13.55
CA SER C 179 13.39 12.62 14.16
C SER C 179 12.73 11.69 15.15
N LEU C 180 12.60 10.41 14.78
CA LEU C 180 11.95 9.43 15.60
C LEU C 180 12.80 9.05 16.79
N ILE C 181 14.11 8.97 16.62
CA ILE C 181 14.99 8.72 17.75
C ILE C 181 15.00 9.91 18.71
N ALA C 182 15.12 11.11 18.18
CA ALA C 182 15.12 12.28 19.02
C ALA C 182 13.82 12.39 19.78
N ALA C 183 12.71 12.05 19.14
CA ALA C 183 11.42 12.11 19.78
C ALA C 183 11.29 11.08 20.85
N SER C 184 11.74 9.86 20.58
CA SER C 184 11.65 8.77 21.52
C SER C 184 12.50 9.04 22.74
N THR C 185 13.65 9.65 22.58
CA THR C 185 14.49 9.87 23.75
C THR C 185 14.05 11.09 24.54
N ARG C 186 13.58 12.13 23.90
CA ARG C 186 12.97 13.18 24.70
C ARG C 186 11.71 12.69 25.41
N SER C 187 10.91 11.83 24.78
CA SER C 187 9.70 11.32 25.43
C SER C 187 10.02 10.38 26.58
N ALA C 188 11.03 9.54 26.43
CA ALA C 188 11.50 8.69 27.52
C ALA C 188 11.92 9.51 28.71
N ALA C 189 12.69 10.55 28.45
CA ALA C 189 13.03 11.50 29.51
C ALA C 189 11.80 12.15 30.11
N ILE C 190 10.81 12.51 29.29
CA ILE C 190 9.62 13.21 29.76
C ILE C 190 8.82 12.35 30.72
N PHE C 191 8.64 11.09 30.36
CA PHE C 191 7.88 10.17 31.19
C PHE C 191 8.64 9.82 32.45
N SER C 192 9.98 9.79 32.40
CA SER C 192 10.78 9.67 33.62
C SER C 192 10.62 10.83 34.58
N GLY C 193 10.10 11.97 34.13
CA GLY C 193 9.83 13.07 35.01
C GLY C 193 10.97 14.02 35.27
N VAL C 194 12.08 13.87 34.58
CA VAL C 194 13.25 14.73 34.76
C VAL C 194 13.03 16.04 34.00
N SER C 195 13.89 17.00 34.31
CA SER C 195 13.68 18.39 33.98
C SER C 195 13.64 18.63 32.48
N THR C 196 13.20 19.82 32.11
CA THR C 196 13.18 20.20 30.71
C THR C 196 14.58 20.29 30.14
N ALA C 197 15.57 20.51 30.99
CA ALA C 197 16.94 20.55 30.53
C ALA C 197 17.43 19.16 30.17
N ILE C 198 17.08 18.17 30.97
CA ILE C 198 17.49 16.81 30.65
C ILE C 198 16.64 16.24 29.52
N CYS C 199 15.41 16.69 29.37
CA CYS C 199 14.61 16.27 28.24
C CYS C 199 15.09 16.90 26.95
N GLU C 200 15.62 18.11 27.00
CA GLU C 200 16.21 18.68 25.80
C GLU C 200 17.58 18.06 25.51
N GLN C 201 18.36 17.76 26.52
CA GLN C 201 19.59 17.06 26.26
C GLN C 201 19.32 15.66 25.75
N MET C 202 18.17 15.08 26.05
CA MET C 202 17.89 13.78 25.45
C MET C 202 17.27 13.90 24.08
N TYR C 203 16.58 14.99 23.78
CA TYR C 203 16.24 15.24 22.40
C TYR C 203 17.49 15.40 21.58
N GLU C 204 18.48 16.07 22.12
CA GLU C 204 19.71 16.29 21.35
C GLU C 204 20.59 15.07 21.33
N TYR C 205 20.55 14.25 22.35
CA TYR C 205 21.18 12.96 22.29
C TYR C 205 20.59 12.11 21.15
N GLY C 206 19.26 12.04 21.07
CA GLY C 206 18.64 11.22 20.06
C GLY C 206 18.73 11.80 18.68
N ARG C 207 18.75 13.12 18.59
CA ARG C 207 18.87 13.78 17.30
C ARG C 207 20.25 13.61 16.71
N ASN C 208 21.28 13.77 17.52
CA ASN C 208 22.61 13.60 16.99
C ASN C 208 23.00 12.16 16.91
N LEU C 209 22.46 11.30 17.74
CA LEU C 209 22.71 9.89 17.53
C LEU C 209 22.06 9.38 16.25
N GLY C 210 20.83 9.79 15.97
CA GLY C 210 20.20 9.40 14.75
C GLY C 210 20.78 10.03 13.52
N LEU C 211 21.34 11.23 13.64
CA LEU C 211 22.05 11.83 12.51
C LEU C 211 23.35 11.12 12.24
N SER C 212 24.12 10.80 13.27
CA SER C 212 25.31 9.99 13.05
C SER C 212 24.96 8.67 12.41
N PHE C 213 23.90 8.02 12.89
CA PHE C 213 23.53 6.75 12.30
C PHE C 213 23.20 6.89 10.83
N GLN C 214 22.44 7.90 10.48
CA GLN C 214 22.09 8.09 9.09
C GLN C 214 23.31 8.43 8.26
N VAL C 215 24.21 9.26 8.77
CA VAL C 215 25.43 9.60 8.02
C VAL C 215 26.29 8.37 7.81
N VAL C 216 26.35 7.47 8.79
CA VAL C 216 27.20 6.29 8.66
C VAL C 216 26.56 5.25 7.75
N ASP C 217 25.24 5.16 7.70
CA ASP C 217 24.63 4.29 6.70
C ASP C 217 24.75 4.88 5.32
N ASP C 218 24.77 6.21 5.24
CA ASP C 218 25.04 6.88 3.99
C ASP C 218 26.44 6.61 3.50
N ILE C 219 27.39 6.45 4.42
CA ILE C 219 28.76 6.13 4.04
C ILE C 219 28.87 4.67 3.66
N LEU C 220 28.23 3.78 4.41
CA LEU C 220 28.36 2.36 4.12
C LEU C 220 27.69 1.97 2.82
N ASP C 221 26.72 2.74 2.34
CA ASP C 221 26.24 2.45 1.00
C ASP C 221 27.25 2.79 -0.08
N PHE C 222 28.38 3.41 0.27
CA PHE C 222 29.49 3.50 -0.66
C PHE C 222 30.56 2.46 -0.36
N THR C 223 31.00 2.39 0.88
CA THR C 223 32.14 1.55 1.19
C THR C 223 31.82 0.07 1.03
N GLN C 224 30.75 -0.40 1.65
CA GLN C 224 30.46 -1.83 1.65
C GLN C 224 30.31 -2.35 0.23
N SER C 225 30.80 -3.57 0.02
CA SER C 225 30.80 -4.18 -1.31
C SER C 225 29.38 -4.59 -1.70
N ALA C 226 29.20 -4.87 -2.99
CA ALA C 226 27.88 -5.14 -3.53
C ALA C 226 27.25 -6.40 -2.97
N GLU C 227 28.02 -7.24 -2.27
CA GLU C 227 27.44 -8.42 -1.65
C GLU C 227 27.15 -8.23 -0.17
N GLN C 228 28.01 -7.49 0.53
CA GLN C 228 27.69 -7.07 1.89
C GLN C 228 26.36 -6.33 1.91
N LEU C 229 26.05 -5.60 0.85
CA LEU C 229 24.76 -4.97 0.66
C LEU C 229 23.92 -5.88 -0.24
N GLY C 230 22.62 -5.94 0.02
CA GLY C 230 21.73 -6.56 -0.94
C GLY C 230 21.72 -5.82 -2.26
N LYS C 231 22.27 -4.62 -2.28
CA LYS C 231 22.31 -3.63 -3.34
C LYS C 231 23.73 -3.46 -3.87
N PRO C 232 23.89 -2.94 -5.08
CA PRO C 232 25.19 -2.44 -5.52
C PRO C 232 25.68 -1.34 -4.61
N ALA C 233 27.00 -1.19 -4.55
CA ALA C 233 27.58 -0.12 -3.77
C ALA C 233 27.35 1.21 -4.45
N GLY C 234 26.75 2.15 -3.75
CA GLY C 234 26.37 3.39 -4.39
C GLY C 234 25.02 3.28 -5.04
N SER C 235 24.04 2.74 -4.33
CA SER C 235 22.68 2.66 -4.84
C SER C 235 21.84 3.86 -4.44
N ASP C 236 22.24 4.58 -3.40
CA ASP C 236 21.58 5.84 -3.12
C ASP C 236 21.94 6.85 -4.20
N LEU C 237 23.07 6.67 -4.87
CA LEU C 237 23.52 7.61 -5.89
C LEU C 237 22.88 7.31 -7.23
N ALA C 238 22.91 6.05 -7.65
CA ALA C 238 22.27 5.66 -8.89
C ALA C 238 20.85 6.18 -8.97
N LYS C 239 20.20 6.33 -7.84
CA LYS C 239 18.78 6.55 -7.82
C LYS C 239 18.43 8.01 -7.74
N GLY C 240 19.41 8.87 -7.57
CA GLY C 240 19.20 10.29 -7.52
C GLY C 240 19.29 10.89 -6.17
N ASN C 241 19.50 10.09 -5.15
CA ASN C 241 19.47 10.51 -3.76
C ASN C 241 20.89 10.85 -3.34
N LEU C 242 21.24 12.12 -3.31
CA LEU C 242 22.62 12.51 -3.12
C LEU C 242 22.90 12.62 -1.63
N THR C 243 23.72 11.71 -1.11
CA THR C 243 23.99 11.71 0.32
C THR C 243 25.25 12.54 0.59
N ALA C 244 25.67 12.58 1.84
CA ALA C 244 26.73 13.50 2.25
C ALA C 244 28.10 13.18 1.68
N PRO C 245 28.48 11.93 1.47
CA PRO C 245 29.69 11.67 0.68
C PRO C 245 29.69 12.29 -0.72
N VAL C 246 28.57 12.18 -1.46
CA VAL C 246 28.46 12.84 -2.75
C VAL C 246 28.37 14.37 -2.59
N ILE C 247 27.66 14.85 -1.57
CA ILE C 247 27.56 16.29 -1.44
C ILE C 247 28.91 16.89 -1.13
N PHE C 248 29.73 16.18 -0.37
CA PHE C 248 31.06 16.66 -0.08
C PHE C 248 31.96 16.52 -1.29
N ALA C 249 31.67 15.56 -2.15
CA ALA C 249 32.47 15.40 -3.35
C ALA C 249 32.16 16.44 -4.41
N LEU C 250 30.91 16.83 -4.56
CA LEU C 250 30.51 17.82 -5.55
C LEU C 250 30.96 19.23 -5.21
N GLN C 251 31.49 19.45 -4.01
CA GLN C 251 31.96 20.78 -3.64
C GLN C 251 33.24 21.15 -4.36
N ASP C 252 34.03 20.16 -4.77
CA ASP C 252 35.26 20.43 -5.48
C ASP C 252 35.42 19.68 -6.80
N GLU C 253 34.67 18.61 -7.01
CA GLU C 253 34.74 17.90 -8.27
C GLU C 253 33.65 18.40 -9.20
N PRO C 254 33.97 18.96 -10.35
CA PRO C 254 32.92 19.34 -11.29
C PRO C 254 32.48 18.20 -12.17
N GLN C 255 33.41 17.31 -12.50
CA GLN C 255 33.08 16.18 -13.36
C GLN C 255 31.96 15.36 -12.77
N LEU C 256 31.94 15.22 -11.45
CA LEU C 256 30.87 14.47 -10.83
C LEU C 256 29.55 15.20 -11.01
N ARG C 257 29.56 16.53 -11.03
CA ARG C 257 28.32 17.26 -11.26
C ARG C 257 27.82 17.02 -12.67
N GLU C 258 28.71 17.01 -13.64
CA GLU C 258 28.25 16.67 -14.97
C GLU C 258 27.78 15.22 -15.06
N ILE C 259 28.31 14.34 -14.22
CA ILE C 259 27.87 12.95 -14.26
C ILE C 259 26.48 12.81 -13.65
N ILE C 260 26.23 13.46 -12.53
CA ILE C 260 24.95 13.29 -11.89
C ILE C 260 23.89 14.07 -12.63
N ASP C 261 24.26 15.18 -13.27
CA ASP C 261 23.30 15.98 -14.03
C ASP C 261 22.76 15.22 -15.23
N SER C 262 23.60 14.48 -15.90
CA SER C 262 23.13 13.62 -16.96
C SER C 262 22.29 12.46 -16.44
N GLU C 263 22.09 12.39 -15.13
CA GLU C 263 21.51 11.25 -14.46
C GLU C 263 22.22 9.96 -14.85
N PHE C 264 23.55 10.04 -14.90
CA PHE C 264 24.41 8.91 -15.26
C PHE C 264 24.06 8.41 -16.66
N SER C 265 24.06 9.34 -17.61
CA SER C 265 23.71 8.99 -18.97
C SER C 265 24.78 8.14 -19.61
N GLU C 266 26.05 8.53 -19.45
CA GLU C 266 27.12 7.74 -20.00
C GLU C 266 27.13 6.37 -19.36
N THR C 267 27.63 5.40 -20.11
CA THR C 267 27.77 4.07 -19.56
C THR C 267 29.02 4.03 -18.69
N ASN C 268 28.95 3.22 -17.65
CA ASN C 268 30.00 3.11 -16.65
C ASN C 268 30.06 4.37 -15.78
N SER C 269 29.06 5.24 -15.91
CA SER C 269 29.11 6.56 -15.32
C SER C 269 28.82 6.55 -13.85
N LEU C 270 28.07 5.56 -13.37
CA LEU C 270 27.88 5.45 -11.93
C LEU C 270 29.18 5.06 -11.23
N ALA C 271 29.94 4.13 -11.83
CA ALA C 271 31.23 3.75 -11.29
C ALA C 271 32.24 4.88 -11.40
N THR C 272 32.18 5.68 -12.46
CA THR C 272 33.02 6.86 -12.50
C THR C 272 32.65 7.83 -11.39
N ALA C 273 31.36 7.99 -11.14
CA ALA C 273 30.94 8.86 -10.04
C ALA C 273 31.35 8.29 -8.70
N ILE C 274 31.32 6.97 -8.55
CA ILE C 274 31.74 6.35 -7.31
C ILE C 274 33.20 6.63 -7.05
N GLU C 275 34.03 6.45 -8.07
CA GLU C 275 35.44 6.71 -7.85
C GLU C 275 35.71 8.19 -7.66
N LEU C 276 34.92 9.07 -8.27
CA LEU C 276 35.10 10.48 -7.97
C LEU C 276 34.72 10.81 -6.54
N VAL C 277 33.78 10.06 -5.96
CA VAL C 277 33.48 10.23 -4.53
C VAL C 277 34.65 9.73 -3.68
N HIS C 278 35.16 8.55 -3.99
CA HIS C 278 36.25 7.98 -3.20
C HIS C 278 37.54 8.78 -3.36
N ARG C 279 37.68 9.49 -4.47
CA ARG C 279 38.86 10.32 -4.72
C ARG C 279 38.73 11.69 -4.10
N SER C 280 37.52 12.27 -4.12
CA SER C 280 37.33 13.60 -3.60
C SER C 280 37.64 13.72 -2.13
N GLY C 281 37.73 12.60 -1.42
CA GLY C 281 37.76 12.68 0.02
C GLY C 281 36.47 13.21 0.57
N GLY C 282 35.35 12.90 -0.08
CA GLY C 282 34.08 13.22 0.50
C GLY C 282 33.66 12.19 1.50
N ILE C 283 34.14 10.96 1.34
CA ILE C 283 33.90 9.92 2.31
C ILE C 283 34.56 10.25 3.63
N LYS C 284 35.75 10.83 3.61
CA LYS C 284 36.42 11.15 4.86
C LYS C 284 35.76 12.33 5.56
N ARG C 285 35.28 13.31 4.83
CA ARG C 285 34.57 14.41 5.44
C ARG C 285 33.19 13.99 5.92
N ALA C 286 32.60 12.97 5.29
CA ALA C 286 31.38 12.37 5.82
C ALA C 286 31.66 11.55 7.07
N HIS C 287 32.78 10.84 7.10
CA HIS C 287 33.21 10.14 8.28
C HIS C 287 33.38 11.12 9.45
N GLU C 288 34.00 12.26 9.21
CA GLU C 288 34.11 13.25 10.27
C GLU C 288 32.80 13.94 10.55
N LEU C 289 31.91 14.02 9.57
CA LEU C 289 30.56 14.51 9.82
C LEU C 289 29.87 13.66 10.85
N ALA C 290 29.96 12.35 10.66
CA ALA C 290 29.38 11.38 11.57
C ALA C 290 30.02 11.46 12.93
N ARG C 291 31.35 11.61 12.99
CA ARG C 291 32.01 11.69 14.29
C ARG C 291 31.59 12.94 15.06
N GLU C 292 31.48 14.06 14.39
CA GLU C 292 31.03 15.25 15.07
C GLU C 292 29.60 15.11 15.56
N LYS C 293 28.74 14.49 14.76
CA LYS C 293 27.38 14.23 15.22
C LYS C 293 27.41 13.39 16.49
N GLY C 294 28.15 12.30 16.47
CA GLY C 294 28.20 11.42 17.60
C GLY C 294 28.79 12.06 18.83
N GLU C 295 29.72 12.99 18.65
CA GLU C 295 30.30 13.67 19.80
C GLU C 295 29.35 14.66 20.41
N ILE C 296 28.52 15.32 19.61
CA ILE C 296 27.47 16.13 20.24
C ILE C 296 26.52 15.24 21.03
N ALA C 297 26.27 14.02 20.56
CA ALA C 297 25.42 13.09 21.31
C ALA C 297 26.07 12.67 22.64
N ILE C 298 27.35 12.32 22.60
CA ILE C 298 28.04 11.95 23.83
C ILE C 298 28.12 13.12 24.79
N GLN C 299 28.34 14.32 24.30
CA GLN C 299 28.27 15.45 25.19
C GLN C 299 26.84 15.71 25.64
N SER C 300 25.86 15.20 24.90
CA SER C 300 24.48 15.36 25.31
C SER C 300 24.21 14.58 26.57
N LEU C 301 24.85 13.44 26.70
CA LEU C 301 24.58 12.58 27.84
C LEU C 301 25.22 13.02 29.13
N GLN C 302 26.08 14.02 29.14
CA GLN C 302 26.82 14.33 30.36
C GLN C 302 25.90 14.77 31.49
N CYS C 303 24.68 15.16 31.19
CA CYS C 303 23.71 15.48 32.22
C CYS C 303 23.32 14.26 33.04
N LEU C 304 23.57 13.11 32.57
CA LEU C 304 23.07 11.93 33.25
C LEU C 304 24.08 11.45 34.26
N PRO C 305 23.67 11.16 35.50
CA PRO C 305 24.58 10.54 36.45
C PRO C 305 25.21 9.29 35.88
N ARG C 306 26.41 9.00 36.33
CA ARG C 306 27.11 7.82 35.87
C ARG C 306 26.24 6.59 36.08
N SER C 307 26.20 5.70 35.10
CA SER C 307 25.51 4.43 35.23
C SER C 307 25.91 3.57 34.05
N GLU C 308 25.39 2.34 34.02
CA GLU C 308 25.58 1.52 32.84
C GLU C 308 24.51 1.78 31.80
N PHE C 309 23.46 2.48 32.17
CA PHE C 309 22.50 2.97 31.20
C PHE C 309 23.14 4.00 30.29
N ARG C 310 23.72 5.04 30.85
CA ARG C 310 24.36 5.99 29.97
C ARG C 310 25.71 5.54 29.47
N SER C 311 26.35 4.57 30.12
CA SER C 311 27.49 3.98 29.45
C SER C 311 27.07 3.22 28.20
N THR C 312 25.95 2.52 28.24
CA THR C 312 25.46 1.88 27.04
C THR C 312 25.00 2.89 26.02
N LEU C 313 24.55 4.06 26.46
CA LEU C 313 24.17 5.09 25.51
C LEU C 313 25.41 5.65 24.79
N GLU C 314 26.47 5.91 25.53
CA GLU C 314 27.71 6.31 24.91
C GLU C 314 28.26 5.23 24.01
N ASN C 315 28.09 3.95 24.36
CA ASN C 315 28.53 2.88 23.45
C ASN C 315 27.62 2.72 22.24
N MET C 316 26.37 3.14 22.33
CA MET C 316 25.55 3.29 21.13
C MET C 316 26.27 4.18 20.15
N VAL C 317 26.70 5.34 20.62
CA VAL C 317 27.43 6.26 19.77
C VAL C 317 28.73 5.61 19.25
N LYS C 318 29.48 5.01 20.14
CA LYS C 318 30.78 4.45 19.74
C LYS C 318 30.63 3.29 18.77
N TYR C 319 29.66 2.42 18.97
CA TYR C 319 29.45 1.33 18.01
C TYR C 319 29.11 1.89 16.67
N ASN C 320 28.25 2.89 16.63
CA ASN C 320 27.92 3.46 15.35
C ASN C 320 29.16 3.99 14.66
N LEU C 321 30.00 4.71 15.39
CA LEU C 321 31.14 5.32 14.74
C LEU C 321 32.21 4.31 14.38
N GLU C 322 32.24 3.16 15.01
CA GLU C 322 33.23 2.17 14.61
C GLU C 322 32.66 1.14 13.63
N ARG C 323 31.39 1.24 13.27
CA ARG C 323 30.86 0.52 12.13
C ARG C 323 31.45 0.99 10.82
N ILE C 324 32.12 2.15 10.80
CA ILE C 324 32.86 2.61 9.64
C ILE C 324 34.37 2.58 9.88
N ASP C 325 34.83 1.72 10.78
CA ASP C 325 36.25 1.58 11.08
C ASP C 325 36.94 2.93 11.22
N GLU D 1 17.38 8.95 -55.33
CA GLU D 1 18.70 8.72 -54.78
C GLU D 1 18.60 7.89 -53.50
N ALA D 2 19.64 7.11 -53.22
CA ALA D 2 19.68 6.30 -52.01
C ALA D 2 20.88 6.55 -51.11
N ALA D 3 21.90 7.26 -51.59
CA ALA D 3 23.06 7.52 -50.73
C ALA D 3 22.64 8.24 -49.46
N LEU D 4 22.18 9.49 -49.60
CA LEU D 4 21.57 10.14 -48.45
C LEU D 4 20.26 9.47 -48.08
N GLY D 5 19.65 8.72 -48.99
CA GLY D 5 18.47 7.94 -48.64
C GLY D 5 18.78 6.84 -47.64
N ASP D 6 19.78 6.01 -47.93
CA ASP D 6 20.09 4.95 -46.98
C ASP D 6 20.80 5.51 -45.77
N ALA D 7 21.48 6.66 -45.90
CA ALA D 7 22.01 7.34 -44.73
C ALA D 7 20.87 7.83 -43.83
N LYS D 8 19.79 8.30 -44.45
CA LYS D 8 18.61 8.69 -43.70
C LYS D 8 18.01 7.50 -42.98
N ASP D 9 17.90 6.37 -43.66
CA ASP D 9 17.43 5.16 -42.99
C ASP D 9 18.39 4.76 -41.87
N ALA D 10 19.68 5.02 -42.05
CA ALA D 10 20.64 4.69 -41.00
C ALA D 10 20.44 5.57 -39.79
N LEU D 11 20.20 6.86 -39.99
CA LEU D 11 19.88 7.75 -38.89
C LEU D 11 18.61 7.30 -38.18
N TYR D 12 17.60 6.94 -38.96
CA TYR D 12 16.39 6.40 -38.36
C TYR D 12 16.67 5.15 -37.56
N ALA D 13 17.65 4.37 -37.97
CA ALA D 13 17.94 3.12 -37.28
C ALA D 13 18.74 3.34 -36.01
N ALA D 14 19.64 4.33 -36.02
CA ALA D 14 20.47 4.61 -34.86
C ALA D 14 19.68 5.30 -33.76
N LEU D 15 18.51 5.85 -34.08
CA LEU D 15 17.72 6.60 -33.12
C LEU D 15 16.79 5.73 -32.29
N GLU D 16 16.66 4.45 -32.60
CA GLU D 16 15.59 3.68 -31.99
C GLU D 16 15.98 3.23 -30.59
N GLY D 17 15.16 3.62 -29.61
CA GLY D 17 15.45 3.38 -28.23
C GLY D 17 16.03 4.57 -27.49
N MET D 18 16.46 5.59 -28.21
CA MET D 18 17.01 6.78 -27.59
C MET D 18 15.95 7.80 -27.21
N ASN D 19 14.68 7.50 -27.50
CA ASN D 19 13.56 8.39 -27.23
C ASN D 19 13.88 9.80 -27.70
N ARG D 20 14.23 9.92 -28.98
CA ARG D 20 14.54 11.18 -29.64
C ARG D 20 15.64 11.95 -28.94
N GLY D 21 16.32 11.32 -27.99
CA GLY D 21 17.42 11.94 -27.28
C GLY D 21 17.01 12.91 -26.24
N ILE D 22 15.78 12.80 -25.74
CA ILE D 22 15.24 13.83 -24.88
C ILE D 22 15.49 13.53 -23.41
N PHE D 23 15.86 12.29 -23.09
CA PHE D 23 16.27 11.98 -21.74
C PHE D 23 17.69 11.44 -21.80
N GLY D 24 18.54 12.13 -22.55
CA GLY D 24 19.96 11.87 -22.52
C GLY D 24 20.33 10.64 -23.28
N MET D 25 21.64 10.46 -23.43
CA MET D 25 22.13 9.44 -24.34
C MET D 25 23.63 9.28 -24.13
N THR D 26 24.10 8.03 -24.26
CA THR D 26 25.52 7.74 -24.19
C THR D 26 26.29 8.53 -25.22
N SER D 27 27.45 9.07 -24.83
CA SER D 27 28.15 10.06 -25.62
C SER D 27 28.60 9.50 -26.97
N GLU D 28 28.92 8.21 -27.04
CA GLU D 28 29.32 7.65 -28.32
C GLU D 28 28.16 7.60 -29.28
N LYS D 29 26.96 7.29 -28.79
CA LYS D 29 25.78 7.32 -29.65
C LYS D 29 25.46 8.74 -30.10
N ARG D 30 25.72 9.74 -29.26
CA ARG D 30 25.49 11.12 -29.66
C ARG D 30 26.48 11.55 -30.72
N SER D 31 27.75 11.16 -30.58
CA SER D 31 28.73 11.42 -31.64
C SER D 31 28.33 10.73 -32.94
N GLU D 32 27.86 9.49 -32.85
CA GLU D 32 27.38 8.77 -34.02
C GLU D 32 26.24 9.51 -34.70
N ILE D 33 25.26 9.93 -33.92
CA ILE D 33 24.08 10.56 -34.50
C ILE D 33 24.43 11.92 -35.10
N HIS D 34 25.30 12.67 -34.44
CA HIS D 34 25.75 13.93 -35.06
C HIS D 34 26.59 13.68 -36.30
N ALA D 35 27.34 12.58 -36.34
CA ALA D 35 28.05 12.24 -37.56
C ALA D 35 27.08 12.02 -38.70
N LEU D 36 26.03 11.24 -38.45
CA LEU D 36 25.05 10.97 -39.51
C LEU D 36 24.32 12.25 -39.93
N VAL D 37 23.96 13.10 -38.97
CA VAL D 37 23.21 14.29 -39.39
C VAL D 37 24.10 15.31 -40.07
N GLU D 38 25.40 15.34 -39.74
CA GLU D 38 26.28 16.22 -40.51
C GLU D 38 26.60 15.64 -41.88
N LEU D 39 26.60 14.32 -42.00
CA LEU D 39 26.65 13.69 -43.32
C LEU D 39 25.43 14.10 -44.14
N LEU D 40 24.25 14.10 -43.52
CA LEU D 40 23.04 14.47 -44.23
C LEU D 40 23.05 15.95 -44.60
N GLU D 41 23.36 16.82 -43.64
CA GLU D 41 23.29 18.25 -43.90
C GLU D 41 24.39 18.67 -44.85
N SER D 42 25.46 17.88 -44.97
CA SER D 42 26.38 18.07 -46.08
C SER D 42 25.72 17.75 -47.41
N LYS D 43 24.86 16.73 -47.43
CA LYS D 43 24.18 16.29 -48.65
C LYS D 43 22.79 16.94 -48.79
N ASN D 44 22.74 18.26 -48.69
CA ASN D 44 21.46 18.95 -48.68
C ASN D 44 20.90 19.04 -50.09
N PRO D 45 19.73 18.47 -50.37
CA PRO D 45 19.17 18.59 -51.73
C PRO D 45 18.48 19.90 -51.96
N THR D 46 18.16 20.62 -50.91
CA THR D 46 17.43 21.88 -51.00
C THR D 46 18.30 23.01 -50.49
N PRO D 47 19.27 23.48 -51.25
CA PRO D 47 20.00 24.67 -50.85
C PRO D 47 19.14 25.89 -51.06
N GLU D 48 19.56 26.99 -50.45
CA GLU D 48 18.90 28.27 -50.65
C GLU D 48 17.43 28.10 -50.23
N PRO D 49 17.16 27.66 -49.00
CA PRO D 49 15.86 27.04 -48.73
C PRO D 49 14.78 27.92 -48.16
N THR D 50 15.05 29.16 -47.77
CA THR D 50 13.98 29.99 -47.22
C THR D 50 13.12 30.64 -48.28
N ASP D 51 13.49 30.55 -49.56
CA ASP D 51 12.58 30.97 -50.61
C ASP D 51 11.79 29.79 -51.16
N LYS D 52 12.03 28.59 -50.64
CA LYS D 52 11.28 27.39 -50.99
C LYS D 52 10.49 26.88 -49.79
N LEU D 53 9.96 27.80 -48.98
CA LEU D 53 9.37 27.42 -47.70
C LEU D 53 8.08 26.64 -47.88
N GLN D 54 7.26 27.02 -48.86
CA GLN D 54 5.90 26.49 -48.89
C GLN D 54 5.88 25.05 -49.38
N ASP D 55 6.71 24.70 -50.35
CA ASP D 55 6.69 23.36 -50.88
C ASP D 55 7.72 22.46 -50.23
N LYS D 56 8.55 22.99 -49.33
CA LYS D 56 9.51 22.17 -48.61
C LYS D 56 9.31 22.24 -47.11
N VAL D 57 9.28 23.44 -46.54
CA VAL D 57 9.22 23.60 -45.08
C VAL D 57 7.79 23.69 -44.56
N ASP D 58 6.83 24.04 -45.40
CA ASP D 58 5.45 24.10 -44.93
C ASP D 58 4.95 22.71 -44.58
N GLY D 59 4.16 22.61 -43.53
CA GLY D 59 3.57 21.36 -43.13
C GLY D 59 3.74 21.11 -41.65
N CYS D 60 3.30 19.94 -41.24
CA CYS D 60 3.39 19.50 -39.86
C CYS D 60 4.60 18.58 -39.70
N TRP D 61 5.47 18.92 -38.76
CA TRP D 61 6.76 18.28 -38.57
C TRP D 61 6.84 17.65 -37.19
N ARG D 62 7.01 16.35 -37.12
CA ARG D 62 7.17 15.66 -35.84
C ARG D 62 8.64 15.50 -35.51
N LEU D 63 8.99 15.72 -34.24
CA LEU D 63 10.39 15.63 -33.81
C LEU D 63 10.83 14.19 -33.65
N VAL D 64 11.97 13.85 -34.27
CA VAL D 64 12.52 12.51 -34.19
C VAL D 64 13.88 12.46 -33.51
N TYR D 65 14.62 13.56 -33.46
CA TYR D 65 15.83 13.67 -32.66
C TYR D 65 16.05 15.15 -32.37
N SER D 66 16.47 15.45 -31.16
CA SER D 66 16.99 16.79 -30.91
C SER D 66 17.98 16.71 -29.78
N THR D 67 18.80 17.73 -29.69
CA THR D 67 19.74 17.80 -28.58
C THR D 67 19.10 18.29 -27.29
N ILE D 68 17.86 18.76 -27.35
CA ILE D 68 17.13 19.15 -26.16
C ILE D 68 16.95 17.94 -25.27
N SER D 69 17.55 17.96 -24.11
CA SER D 69 17.42 16.88 -23.14
C SER D 69 16.82 17.43 -21.86
N ILE D 70 15.97 16.64 -21.23
CA ILE D 70 15.38 17.02 -19.95
C ILE D 70 15.90 16.03 -18.92
N LEU D 71 16.92 16.43 -18.19
CA LEU D 71 17.61 15.52 -17.28
C LEU D 71 17.83 16.20 -15.93
N GLY D 72 17.99 15.38 -14.92
CA GLY D 72 18.40 15.88 -13.63
C GLY D 72 17.30 16.52 -12.83
N LYS D 73 17.53 17.77 -12.48
CA LYS D 73 16.66 18.46 -11.56
C LYS D 73 15.37 18.88 -12.23
N LYS D 74 15.43 19.34 -13.48
CA LYS D 74 14.21 19.79 -14.14
C LYS D 74 13.36 18.63 -14.59
N ARG D 75 13.94 17.50 -14.94
CA ARG D 75 13.13 16.33 -15.16
C ARG D 75 12.30 15.99 -13.93
N THR D 76 12.90 16.19 -12.75
CA THR D 76 12.25 15.89 -11.50
C THR D 76 11.19 16.92 -11.18
N LYS D 77 11.48 18.19 -11.43
CA LYS D 77 10.52 19.24 -11.18
C LYS D 77 9.29 19.09 -12.06
N LEU D 78 9.49 18.71 -13.31
CA LEU D 78 8.36 18.56 -14.21
C LEU D 78 7.59 17.27 -14.01
N GLY D 79 8.05 16.38 -13.16
CA GLY D 79 7.38 15.12 -13.01
C GLY D 79 7.63 14.15 -14.14
N LEU D 80 8.75 14.28 -14.81
CA LEU D 80 8.96 13.61 -16.08
C LEU D 80 9.83 12.37 -15.96
N ARG D 81 10.02 11.83 -14.76
CA ARG D 81 10.76 10.59 -14.61
C ARG D 81 9.87 9.42 -14.24
N ASP D 82 8.74 9.67 -13.60
CA ASP D 82 7.87 8.60 -13.15
C ASP D 82 6.39 8.86 -13.36
N PHE D 83 5.97 10.07 -13.69
CA PHE D 83 4.55 10.36 -13.79
C PHE D 83 4.12 10.75 -15.20
N ILE D 84 4.73 11.78 -15.78
CA ILE D 84 4.27 12.35 -17.02
C ILE D 84 5.20 11.89 -18.13
N SER D 85 4.62 11.39 -19.19
CA SER D 85 5.35 10.87 -20.33
C SER D 85 5.39 11.95 -21.39
N LEU D 86 6.56 12.51 -21.64
CA LEU D 86 6.68 13.54 -22.64
C LEU D 86 6.35 12.90 -23.97
N GLY D 87 5.23 13.27 -24.56
CA GLY D 87 4.80 12.71 -25.81
C GLY D 87 5.43 13.43 -26.97
N ASP D 88 4.74 13.41 -28.10
CA ASP D 88 5.33 13.89 -29.33
C ASP D 88 5.57 15.40 -29.27
N PHE D 89 6.39 15.86 -30.20
CA PHE D 89 6.78 17.25 -30.29
C PHE D 89 6.55 17.64 -31.74
N PHE D 90 5.69 18.59 -31.98
CA PHE D 90 5.42 18.97 -33.36
C PHE D 90 5.84 20.42 -33.58
N GLN D 91 6.20 20.73 -34.82
CA GLN D 91 6.57 22.07 -35.18
C GLN D 91 5.98 22.48 -36.53
N MET D 92 4.66 22.41 -36.66
CA MET D 92 3.97 22.98 -37.82
C MET D 92 4.55 24.33 -38.21
N ILE D 93 4.98 24.44 -39.47
CA ILE D 93 5.49 25.69 -40.01
C ILE D 93 4.58 26.09 -41.16
N ASP D 94 3.66 27.01 -40.90
CA ASP D 94 2.75 27.53 -41.92
C ASP D 94 3.28 28.86 -42.43
N VAL D 95 3.57 28.93 -43.73
CA VAL D 95 4.26 30.08 -44.28
C VAL D 95 3.32 31.19 -44.72
N LYS D 96 2.03 30.90 -44.89
CA LYS D 96 1.09 31.94 -45.30
C LYS D 96 1.03 33.05 -44.26
N GLU D 97 0.51 32.74 -43.07
CA GLU D 97 0.43 33.71 -41.99
C GLU D 97 1.72 33.78 -41.20
N GLU D 98 2.79 33.14 -41.67
CA GLU D 98 4.14 33.39 -41.19
C GLU D 98 4.28 32.96 -39.72
N LYS D 99 3.86 31.73 -39.46
CA LYS D 99 3.75 31.20 -38.11
C LYS D 99 4.69 30.04 -37.88
N ALA D 100 4.83 29.67 -36.60
CA ALA D 100 5.70 28.58 -36.18
C ALA D 100 5.15 28.03 -34.86
N VAL D 101 4.43 26.94 -34.93
CA VAL D 101 3.78 26.36 -33.74
C VAL D 101 4.62 25.21 -33.22
N ASN D 102 4.86 25.21 -31.91
CA ASN D 102 5.47 24.09 -31.19
C ASN D 102 4.40 23.44 -30.33
N VAL D 103 4.08 22.19 -30.61
CA VAL D 103 3.12 21.45 -29.82
C VAL D 103 3.85 20.32 -29.14
N ILE D 104 3.93 20.36 -27.82
CA ILE D 104 4.59 19.32 -27.06
C ILE D 104 3.51 18.60 -26.27
N LYS D 105 3.23 17.36 -26.62
CA LYS D 105 2.12 16.66 -26.00
C LYS D 105 2.55 15.84 -24.80
N PHE D 106 1.62 15.65 -23.87
CA PHE D 106 1.92 15.01 -22.60
C PHE D 106 0.87 13.98 -22.28
N SER D 107 1.22 13.09 -21.35
CA SER D 107 0.41 11.94 -21.01
C SER D 107 0.62 11.65 -19.53
N ALA D 108 -0.11 10.68 -19.02
CA ALA D 108 0.11 10.20 -17.66
C ALA D 108 -0.05 8.69 -17.51
N ARG D 109 -0.16 7.96 -18.63
CA ARG D 109 -0.06 6.51 -18.70
C ARG D 109 -1.27 5.79 -18.12
N ALA D 110 -2.13 6.50 -17.39
CA ALA D 110 -3.48 6.02 -17.14
C ALA D 110 -4.53 7.11 -17.16
N LEU D 111 -4.15 8.36 -16.94
CA LEU D 111 -5.09 9.45 -16.72
C LEU D 111 -5.53 9.97 -18.06
N LYS D 112 -6.78 9.70 -18.43
CA LYS D 112 -7.30 10.29 -19.66
C LYS D 112 -7.39 11.80 -19.54
N ILE D 113 -7.45 12.34 -18.32
CA ILE D 113 -7.66 13.77 -18.15
C ILE D 113 -6.35 14.54 -18.17
N LEU D 114 -5.21 13.88 -17.98
CA LEU D 114 -3.93 14.57 -18.06
C LEU D 114 -3.36 14.60 -19.46
N SER D 115 -3.92 13.87 -20.40
CA SER D 115 -3.35 13.80 -21.74
C SER D 115 -3.60 15.14 -22.43
N GLY D 116 -2.75 16.10 -22.11
CA GLY D 116 -2.80 17.41 -22.72
C GLY D 116 -1.62 17.72 -23.60
N GLN D 117 -1.19 18.97 -23.63
CA GLN D 117 -0.12 19.41 -24.50
C GLN D 117 0.24 20.84 -24.16
N LEU D 118 1.48 21.20 -24.45
CA LEU D 118 1.95 22.58 -24.35
C LEU D 118 2.03 23.14 -25.76
N THR D 119 1.32 24.23 -26.00
CA THR D 119 1.30 24.86 -27.32
C THR D 119 2.11 26.14 -27.24
N ILE D 120 2.88 26.42 -28.29
CA ILE D 120 3.75 27.58 -28.35
C ILE D 120 3.61 28.20 -29.73
N GLU D 121 2.92 29.34 -29.79
CA GLU D 121 2.73 30.08 -31.03
C GLU D 121 3.94 30.98 -31.24
N ALA D 122 4.57 30.86 -32.40
CA ALA D 122 5.68 31.73 -32.73
C ALA D 122 5.46 32.31 -34.12
N SER D 123 6.16 33.39 -34.40
CA SER D 123 6.13 34.03 -35.70
C SER D 123 7.56 34.21 -36.18
N TYR D 124 7.84 33.73 -37.38
CA TYR D 124 9.18 33.80 -37.94
C TYR D 124 9.25 34.87 -39.02
N LYS D 125 10.48 35.13 -39.47
CA LYS D 125 10.73 36.00 -40.61
C LYS D 125 12.06 35.57 -41.19
N ILE D 126 12.27 35.86 -42.47
CA ILE D 126 13.47 35.43 -43.17
C ILE D 126 14.48 36.56 -43.09
N THR D 127 15.54 36.36 -42.32
CA THR D 127 16.66 37.29 -42.32
C THR D 127 17.72 36.92 -43.35
N THR D 128 18.25 35.71 -43.24
CA THR D 128 19.22 35.18 -44.17
C THR D 128 18.52 34.15 -45.06
N LYS D 129 19.09 33.88 -46.22
CA LYS D 129 18.43 32.96 -47.12
C LYS D 129 18.52 31.51 -46.66
N THR D 130 19.20 31.23 -45.54
CA THR D 130 19.15 29.91 -44.93
C THR D 130 18.73 29.96 -43.47
N LYS D 131 18.35 31.13 -42.96
CA LYS D 131 18.03 31.33 -41.56
C LYS D 131 16.64 31.94 -41.46
N VAL D 132 15.99 31.75 -40.31
CA VAL D 132 14.73 32.42 -40.02
C VAL D 132 14.76 32.89 -38.59
N ASP D 133 14.35 34.12 -38.37
CA ASP D 133 14.33 34.73 -37.03
C ASP D 133 12.96 34.50 -36.40
N ILE D 134 12.92 33.68 -35.36
CA ILE D 134 11.67 33.23 -34.75
C ILE D 134 11.42 34.04 -33.48
N THR D 135 10.15 34.35 -33.22
CA THR D 135 9.76 35.16 -32.09
C THR D 135 8.48 34.60 -31.49
N LEU D 136 8.42 34.54 -30.15
CA LEU D 136 7.33 33.89 -29.45
C LEU D 136 6.17 34.84 -29.22
N ASP D 137 4.95 34.35 -29.46
CA ASP D 137 3.72 35.11 -29.28
C ASP D 137 2.84 34.58 -28.15
N SER D 138 2.43 33.32 -28.24
CA SER D 138 1.46 32.74 -27.33
C SER D 138 2.00 31.42 -26.80
N SER D 139 1.51 31.01 -25.64
CA SER D 139 1.94 29.79 -24.97
C SER D 139 0.76 29.26 -24.18
N THR D 140 0.61 27.95 -24.14
CA THR D 140 -0.61 27.39 -23.57
C THR D 140 -0.36 25.97 -23.11
N ILE D 141 -0.76 25.64 -21.90
CA ILE D 141 -0.86 24.26 -21.44
C ILE D 141 -2.33 23.94 -21.33
N THR D 142 -2.78 22.91 -22.00
CA THR D 142 -4.15 22.45 -21.87
C THR D 142 -4.15 20.95 -21.66
N PRO D 143 -5.15 20.41 -20.97
CA PRO D 143 -6.26 21.11 -20.31
C PRO D 143 -5.83 21.74 -19.01
N ASP D 144 -6.78 22.24 -18.23
CA ASP D 144 -6.42 22.94 -17.00
C ASP D 144 -5.80 22.01 -15.97
N GLN D 145 -5.99 20.71 -16.11
CA GLN D 145 -5.36 19.79 -15.16
C GLN D 145 -3.87 19.67 -15.40
N LEU D 146 -3.45 19.54 -16.67
CA LEU D 146 -2.04 19.57 -16.95
C LEU D 146 -1.43 20.91 -16.57
N MET D 147 -2.13 22.00 -16.84
CA MET D 147 -1.61 23.29 -16.42
C MET D 147 -1.46 23.37 -14.91
N ASN D 148 -2.40 22.77 -14.18
CA ASN D 148 -2.26 22.68 -12.74
C ASN D 148 -0.99 21.94 -12.37
N ILE D 149 -0.66 20.90 -13.11
CA ILE D 149 0.54 20.13 -12.78
C ILE D 149 1.80 20.91 -13.09
N PHE D 150 1.81 21.66 -14.18
CA PHE D 150 3.04 22.29 -14.63
C PHE D 150 3.17 23.76 -14.25
N GLN D 151 2.14 24.38 -13.67
CA GLN D 151 2.06 25.83 -13.67
C GLN D 151 3.18 26.46 -12.87
N LYS D 152 3.57 25.84 -11.75
CA LYS D 152 4.62 26.43 -10.94
C LYS D 152 5.97 26.37 -11.63
N ASN D 153 6.09 25.54 -12.67
CA ASN D 153 7.30 25.38 -13.47
C ASN D 153 7.03 25.68 -14.94
N TYR D 154 6.10 26.59 -15.21
CA TYR D 154 5.71 26.89 -16.57
C TYR D 154 6.85 27.52 -17.37
N ASP D 155 7.58 28.43 -16.75
CA ASP D 155 8.60 29.15 -17.49
C ASP D 155 9.78 28.25 -17.81
N MET D 156 10.14 27.36 -16.89
CA MET D 156 11.16 26.37 -17.17
C MET D 156 10.77 25.48 -18.34
N LEU D 157 9.52 25.03 -18.36
CA LEU D 157 9.05 24.17 -19.45
C LEU D 157 9.11 24.88 -20.78
N LEU D 158 8.48 26.05 -20.86
CA LEU D 158 8.52 26.82 -22.09
C LEU D 158 9.96 27.06 -22.54
N ALA D 159 10.81 27.47 -21.62
CA ALA D 159 12.21 27.74 -21.98
C ALA D 159 12.90 26.49 -22.50
N ILE D 160 12.53 25.31 -22.01
CA ILE D 160 13.05 24.10 -22.63
C ILE D 160 12.65 24.06 -24.09
N PHE D 161 11.40 24.37 -24.38
CA PHE D 161 10.86 24.12 -25.71
C PHE D 161 10.63 25.37 -26.54
N ASN D 162 11.11 26.52 -26.09
CA ASN D 162 10.83 27.79 -26.75
C ASN D 162 11.55 27.93 -28.08
N PRO D 163 10.83 28.08 -29.20
CA PRO D 163 11.51 28.15 -30.49
C PRO D 163 12.11 29.50 -30.81
N GLU D 164 11.98 30.47 -29.91
CA GLU D 164 12.49 31.81 -30.15
C GLU D 164 13.98 31.75 -30.44
N GLY D 165 14.48 32.83 -31.03
CA GLY D 165 15.87 32.91 -31.45
C GLY D 165 15.91 32.93 -32.96
N TRP D 166 16.77 32.12 -33.56
CA TRP D 166 16.70 31.89 -34.98
C TRP D 166 16.86 30.41 -35.24
N LEU D 167 16.46 30.00 -36.44
CA LEU D 167 16.50 28.61 -36.87
C LEU D 167 17.20 28.59 -38.22
N GLU D 168 18.42 28.08 -38.25
CA GLU D 168 19.13 27.93 -39.51
C GLU D 168 18.81 26.57 -40.07
N ILE D 169 18.14 26.55 -41.22
CA ILE D 169 17.58 25.32 -41.77
C ILE D 169 18.66 24.68 -42.64
N THR D 170 19.30 23.64 -42.12
CA THR D 170 20.45 23.06 -42.79
C THR D 170 20.03 22.07 -43.87
N TYR D 171 19.29 21.04 -43.50
CA TYR D 171 18.86 20.01 -44.42
C TYR D 171 17.35 20.09 -44.58
N VAL D 172 16.87 19.96 -45.82
CA VAL D 172 15.44 19.98 -46.11
C VAL D 172 15.14 18.91 -47.14
N ASP D 173 14.48 17.85 -46.73
CA ASP D 173 13.92 16.87 -47.64
C ASP D 173 12.41 17.01 -47.62
N GLU D 174 11.73 16.23 -48.45
CA GLU D 174 10.29 16.32 -48.46
C GLU D 174 9.66 15.59 -47.28
N SER D 175 10.43 14.76 -46.57
CA SER D 175 9.91 14.05 -45.40
C SER D 175 10.88 14.15 -44.22
N LEU D 176 11.81 15.09 -44.26
CA LEU D 176 12.78 15.25 -43.19
C LEU D 176 13.54 16.55 -43.35
N ARG D 177 13.59 17.35 -42.30
CA ARG D 177 14.44 18.51 -42.32
C ARG D 177 15.25 18.54 -41.04
N ILE D 178 16.38 19.24 -41.10
CA ILE D 178 17.31 19.34 -39.99
C ILE D 178 17.57 20.81 -39.75
N GLY D 179 17.41 21.25 -38.51
CA GLY D 179 17.61 22.63 -38.16
C GLY D 179 18.66 22.76 -37.09
N ARG D 180 19.15 23.98 -36.93
CA ARG D 180 20.18 24.28 -35.93
C ARG D 180 19.89 25.65 -35.38
N ASP D 181 19.33 25.73 -34.18
CA ASP D 181 18.88 27.02 -33.69
C ASP D 181 20.07 27.80 -33.14
N ASP D 182 19.81 28.95 -32.53
CA ASP D 182 20.89 29.80 -32.07
C ASP D 182 21.60 29.21 -30.86
N LYS D 183 20.98 28.30 -30.14
CA LYS D 183 21.56 27.71 -28.95
C LYS D 183 22.36 26.47 -29.25
N ALA D 184 22.79 26.31 -30.50
CA ALA D 184 23.60 25.18 -30.94
C ALA D 184 22.85 23.86 -30.84
N ASN D 185 21.52 23.90 -30.88
CA ASN D 185 20.72 22.70 -30.80
C ASN D 185 20.43 22.16 -32.18
N ILE D 186 20.43 20.84 -32.30
CA ILE D 186 20.05 20.16 -33.53
C ILE D 186 18.61 19.71 -33.41
N PHE D 187 17.82 19.99 -34.43
CA PHE D 187 16.43 19.57 -34.48
C PHE D 187 16.23 18.77 -35.74
N VAL D 188 16.02 17.47 -35.59
CA VAL D 188 15.72 16.60 -36.72
C VAL D 188 14.23 16.33 -36.69
N LEU D 189 13.50 16.86 -37.66
CA LEU D 189 12.06 16.70 -37.71
C LEU D 189 11.68 15.91 -38.94
N GLU D 190 10.54 15.26 -38.88
CA GLU D 190 10.00 14.50 -40.00
C GLU D 190 8.58 14.96 -40.27
N ARG D 191 8.02 14.55 -41.41
CA ARG D 191 6.66 14.92 -41.76
C ARG D 191 5.65 14.07 -41.01
N ALA D 192 4.59 14.71 -40.56
CA ALA D 192 3.48 14.07 -39.87
C ALA D 192 2.21 14.72 -40.35
N ASP D 193 1.20 13.93 -40.67
CA ASP D 193 -0.06 14.49 -41.11
C ASP D 193 -0.66 15.35 -39.99
N PRO D 194 -1.14 16.54 -40.30
CA PRO D 194 -1.54 17.48 -39.23
C PRO D 194 -2.67 16.96 -38.36
N SER D 195 -3.24 15.80 -38.70
CA SER D 195 -4.14 15.14 -37.79
C SER D 195 -3.41 14.47 -36.64
N GLU D 196 -2.11 14.20 -36.81
CA GLU D 196 -1.31 13.67 -35.72
C GLU D 196 -1.29 14.62 -34.53
N VAL D 197 -1.22 15.91 -34.80
CA VAL D 197 -1.30 16.92 -33.76
C VAL D 197 -2.67 16.90 -33.08
C1 GGS E . -14.75 -0.09 3.84
S1 GGS E . -14.84 -1.81 4.39
C2 GGS E . -13.52 0.47 4.51
C3 GGS E . -13.49 1.66 5.03
C4 GGS E . -14.72 2.54 4.96
C5 GGS E . -12.21 2.13 5.68
C6 GGS E . -11.56 1.15 6.62
C7 GGS E . -10.60 0.17 5.96
C8 GGS E . -9.32 0.36 5.94
C9 GGS E . -8.72 1.58 6.58
PA GGS E . -14.81 -3.00 2.67
PB GGS E . -15.75 -1.41 0.46
C10 GGS E . -8.40 -0.65 5.26
C11 GGS E . -7.22 1.41 6.74
C12 GGS E . -6.86 0.66 8.01
C13 GGS E . -6.50 1.31 9.10
C14 GGS E . -6.16 0.55 10.34
C15 GGS E . -6.43 2.81 9.10
C16 GGS E . -4.99 3.22 8.99
C17 GGS E . -4.62 4.28 9.99
C18 GGS E . -3.40 4.75 10.00
C19 GGS E . -3.00 5.82 11.01
O1A GGS E . -13.44 -3.05 2.02
O1B GGS E . -14.38 -1.69 -0.12
C20 GGS E . -2.41 4.18 8.98
O2A GGS E . -15.28 -4.39 3.00
O2B GGS E . -16.83 -1.69 -0.53
O3A GGS E . -15.98 -2.35 1.74
O3B GGS E . -15.93 0.01 0.89
CO CO F . -11.96 -3.79 2.84
CO CO G . -12.95 -2.40 0.21
C1 GGS H . 13.59 5.33 4.42
S1 GGS H . 13.78 6.58 3.12
C2 GGS H . 12.18 5.53 4.94
C3 GGS H . 11.90 5.47 6.20
C4 GGS H . 13.00 5.18 7.21
C5 GGS H . 10.47 5.68 6.64
C6 GGS H . 9.77 6.87 6.02
C7 GGS H . 9.10 6.58 4.69
C8 GGS H . 7.84 6.32 4.58
C9 GGS H . 6.97 6.28 5.81
PA GGS H . 14.24 5.55 1.35
PB GGS H . 15.39 3.01 2.07
C10 GGS H . 7.20 6.04 3.23
C11 GGS H . 5.50 6.31 5.43
C12 GGS H . 4.99 7.73 5.21
C13 GGS H . 4.35 8.36 6.16
C14 GGS H . 3.86 9.77 5.91
C15 GGS H . 4.09 7.69 7.48
C16 GGS H . 2.65 7.25 7.52
C17 GGS H . 1.96 7.64 8.80
C18 GGS H . 0.71 7.29 8.97
C19 GGS H . -0.01 7.67 10.26
O1A GGS H . 13.05 4.82 0.78
O1B GGS H . 14.21 2.44 1.30
C20 GGS H . 0.03 6.50 7.85
O2A GGS H . 14.81 6.51 0.35
O2B GGS H . 16.68 2.39 1.63
O3A GGS H . 15.49 4.59 1.79
O3B GGS H . 15.30 2.81 3.54
CO CO I . 12.86 2.86 0.53
CO CO J . 11.54 5.69 0.16
#